data_5QK3
#
_entry.id   5QK3
#
_cell.length_a   49.490
_cell.length_b   60.020
_cell.length_c   80.130
_cell.angle_alpha   79.150
_cell.angle_beta   81.350
_cell.angle_gamma   75.430
#
_symmetry.space_group_name_H-M   'P 1'
#
loop_
_entity.id
_entity.type
_entity.pdbx_description
1 polymer 'ADP-sugar pyrophosphatase'
2 non-polymer 'MAGNESIUM ION'
3 non-polymer N-(5-methyl-1H-pyrazol-3-yl)acetamide
4 non-polymer 1,2-ETHANEDIOL
5 non-polymer 'CHLORIDE ION'
6 water water
#
_entity_poly.entity_id   1
_entity_poly.type   'polypeptide(L)'
_entity_poly.pdbx_seq_one_letter_code
;SMESQEPTESSQNGKQYIISEELISEGKWVKLEKTTYMDPTGKTRTWESVKRTTRKEQTADGVAVIPVLQRTLHYECIVL
VKQFRPPMGGYCIEFPAGLIDDGETPEAAALRELEEETGYKGDIAECSPAVCMDPGLSNCTIHIVTVTINGDDAENARPK
PKPGDGEFVEVISLPKNDLLQRLDALVAEEHLTVDARVYSYALALKHAN
;
_entity_poly.pdbx_strand_id   A,B,C,D
#
loop_
_chem_comp.id
_chem_comp.type
_chem_comp.name
_chem_comp.formula
CL non-polymer 'CHLORIDE ION' 'Cl -1'
EDO non-polymer 1,2-ETHANEDIOL 'C2 H6 O2'
K3A non-polymer N-(5-methyl-1H-pyrazol-3-yl)acetamide 'C6 H9 N3 O'
MG non-polymer 'MAGNESIUM ION' 'Mg 2'
#
# COMPACT_ATOMS: atom_id res chain seq x y z
N LYS A 15 -25.22 -9.70 38.59
CA LYS A 15 -25.06 -8.87 39.82
C LYS A 15 -25.58 -7.46 39.62
N GLN A 16 -25.13 -6.79 38.54
CA GLN A 16 -25.49 -5.36 38.38
C GLN A 16 -26.69 -5.20 37.48
N TYR A 17 -27.50 -4.18 37.77
CA TYR A 17 -28.69 -3.93 36.96
C TYR A 17 -29.13 -2.51 37.14
N ILE A 18 -30.05 -2.10 36.26
CA ILE A 18 -30.55 -0.70 36.32
C ILE A 18 -31.65 -0.67 37.35
N ILE A 19 -31.63 0.36 38.17
CA ILE A 19 -32.73 0.70 39.11
C ILE A 19 -33.72 1.71 38.55
N SER A 20 -33.21 2.79 37.95
CA SER A 20 -34.09 3.80 37.38
C SER A 20 -33.37 4.61 36.31
N GLU A 21 -34.10 5.27 35.43
CA GLU A 21 -33.51 6.13 34.39
C GLU A 21 -34.38 7.41 34.38
N GLU A 22 -33.81 8.52 34.80
CA GLU A 22 -34.49 9.83 34.92
C GLU A 22 -34.03 10.74 33.80
N LEU A 23 -34.98 11.31 33.07
CA LEU A 23 -34.64 12.19 31.96
C LEU A 23 -34.04 13.47 32.56
N ILE A 24 -32.88 13.88 32.08
CA ILE A 24 -32.29 15.21 32.40
C ILE A 24 -32.62 16.23 31.33
N SER A 25 -32.33 15.95 30.07
CA SER A 25 -32.60 16.90 28.95
C SER A 25 -32.91 16.16 27.67
N GLU A 26 -34.02 16.46 26.96
CA GLU A 26 -34.36 15.76 25.72
C GLU A 26 -34.35 16.79 24.58
N GLY A 27 -33.43 16.61 23.64
CA GLY A 27 -33.47 17.27 22.36
C GLY A 27 -34.36 16.59 21.35
N LYS A 28 -34.24 16.99 20.08
CA LYS A 28 -34.95 16.29 19.01
C LYS A 28 -34.33 14.94 18.68
N TRP A 29 -33.02 14.87 18.82
CA TRP A 29 -32.27 13.72 18.34
C TRP A 29 -31.54 12.92 19.42
N VAL A 30 -31.19 13.60 20.52
CA VAL A 30 -30.38 13.09 21.58
C VAL A 30 -30.97 13.52 22.94
N LYS A 31 -30.92 12.60 23.92
CA LYS A 31 -31.25 12.93 25.27
C LYS A 31 -30.15 12.53 26.24
N LEU A 32 -30.12 13.21 27.39
CA LEU A 32 -29.31 12.89 28.51
C LEU A 32 -30.15 12.37 29.69
N GLU A 33 -29.69 11.29 30.32
CA GLU A 33 -30.36 10.66 31.44
C GLU A 33 -29.47 10.43 32.61
N LYS A 34 -30.08 10.43 33.82
CA LYS A 34 -29.40 10.09 35.06
C LYS A 34 -29.76 8.64 35.33
N THR A 35 -28.78 7.77 35.26
CA THR A 35 -29.02 6.38 35.40
C THR A 35 -28.66 5.99 36.82
N THR A 36 -29.56 5.28 37.48
CA THR A 36 -29.31 4.72 38.78
C THR A 36 -29.21 3.21 38.64
N TYR A 37 -28.15 2.67 39.20
CA TYR A 37 -27.88 1.25 39.12
C TYR A 37 -27.31 0.67 40.41
N MET A 38 -27.39 -0.65 40.49
CA MET A 38 -26.86 -1.45 41.61
C MET A 38 -25.47 -1.93 41.26
N ASP A 39 -24.48 -1.57 42.10
CA ASP A 39 -23.11 -2.11 41.92
C ASP A 39 -22.98 -3.51 42.52
N PRO A 40 -21.90 -4.21 42.18
CA PRO A 40 -21.86 -5.59 42.63
C PRO A 40 -21.53 -5.77 44.12
N THR A 41 -21.19 -4.69 44.85
CA THR A 41 -21.09 -4.72 46.35
C THR A 41 -22.48 -4.56 47.01
N GLY A 42 -23.54 -4.34 46.22
CA GLY A 42 -24.88 -4.11 46.74
C GLY A 42 -25.20 -2.62 47.04
N LYS A 43 -24.31 -1.73 46.64
CA LYS A 43 -24.46 -0.28 46.75
C LYS A 43 -25.09 0.35 45.47
N THR A 44 -25.96 1.35 45.70
CA THR A 44 -26.61 2.13 44.66
C THR A 44 -25.60 3.20 44.09
N ARG A 45 -25.46 3.32 42.77
CA ARG A 45 -24.65 4.39 42.16
C ARG A 45 -25.36 5.05 40.96
N THR A 46 -24.83 6.17 40.50
CA THR A 46 -25.44 6.83 39.35
C THR A 46 -24.41 7.05 38.22
N TRP A 47 -24.96 7.29 37.07
CA TRP A 47 -24.19 7.46 35.83
C TRP A 47 -24.94 8.47 34.95
N GLU A 48 -24.25 9.34 34.30
CA GLU A 48 -24.82 10.13 33.23
C GLU A 48 -24.71 9.44 31.84
N SER A 49 -25.87 9.19 31.26
CA SER A 49 -26.06 8.36 30.09
C SER A 49 -26.64 9.16 28.95
N VAL A 50 -26.09 8.95 27.76
CA VAL A 50 -26.64 9.51 26.53
C VAL A 50 -27.44 8.45 25.78
N LYS A 51 -28.59 8.81 25.21
CA LYS A 51 -29.31 7.99 24.26
C LYS A 51 -29.83 8.79 23.03
N ARG A 52 -30.05 8.12 21.91
CA ARG A 52 -30.80 8.74 20.84
C ARG A 52 -32.30 8.73 21.11
N THR A 53 -33.03 9.71 20.55
CA THR A 53 -34.49 9.73 20.62
C THR A 53 -35.22 8.93 19.50
N THR A 54 -34.45 8.38 18.58
CA THR A 54 -34.90 7.85 17.31
C THR A 54 -35.04 6.33 17.31
N ARG A 55 -34.71 5.64 18.41
CA ARG A 55 -34.72 4.17 18.34
C ARG A 55 -36.08 3.68 18.67
N LYS A 56 -36.70 2.95 17.77
CA LYS A 56 -38.04 2.43 18.02
C LYS A 56 -37.93 0.92 18.28
N GLU A 57 -38.20 0.12 17.27
CA GLU A 57 -38.10 -1.34 17.41
C GLU A 57 -36.83 -1.89 16.70
N GLN A 58 -35.93 -1.03 16.20
CA GLN A 58 -34.74 -1.56 15.55
C GLN A 58 -33.88 -2.35 16.55
N THR A 59 -33.18 -3.33 16.01
CA THR A 59 -32.27 -4.14 16.81
C THR A 59 -31.05 -3.32 17.22
N ALA A 60 -30.92 -2.14 16.62
CA ALA A 60 -29.81 -1.22 16.88
C ALA A 60 -30.17 0.13 16.30
N ASP A 61 -29.41 1.15 16.70
CA ASP A 61 -29.65 2.49 16.15
C ASP A 61 -29.32 2.58 14.67
N GLY A 62 -28.23 1.96 14.27
CA GLY A 62 -27.65 2.25 12.96
C GLY A 62 -26.92 1.04 12.40
N VAL A 63 -26.38 1.26 11.22
CA VAL A 63 -25.47 0.33 10.59
C VAL A 63 -24.19 1.07 10.20
N ALA A 64 -23.10 0.34 10.12
CA ALA A 64 -21.88 0.83 9.42
C ALA A 64 -21.54 -0.34 8.46
N VAL A 65 -21.12 0.03 7.28
CA VAL A 65 -20.91 -0.90 6.22
C VAL A 65 -19.40 -1.06 6.00
N ILE A 66 -18.90 -2.30 5.92
CA ILE A 66 -17.53 -2.55 5.56
C ILE A 66 -17.62 -2.99 4.09
N PRO A 67 -17.24 -2.10 3.16
CA PRO A 67 -17.54 -2.34 1.75
C PRO A 67 -16.25 -2.73 1.00
N VAL A 68 -16.16 -3.99 0.64
CA VAL A 68 -15.00 -4.56 -0.03
C VAL A 68 -15.17 -4.53 -1.54
N LEU A 69 -14.50 -3.59 -2.18
CA LEU A 69 -14.65 -3.38 -3.59
C LEU A 69 -13.73 -4.36 -4.30
N GLN A 70 -14.31 -5.20 -5.16
CA GLN A 70 -13.60 -6.32 -5.82
C GLN A 70 -13.64 -6.08 -7.32
N ARG A 71 -12.48 -6.14 -7.96
CA ARG A 71 -12.38 -5.89 -9.38
C ARG A 71 -11.29 -6.73 -9.92
N THR A 72 -11.55 -7.40 -11.04
CA THR A 72 -10.52 -8.29 -11.62
C THR A 72 -9.25 -7.47 -11.95
N LEU A 73 -8.13 -8.04 -11.58
CA LEU A 73 -6.77 -7.45 -11.81
C LEU A 73 -6.58 -6.14 -11.02
N HIS A 74 -7.33 -6.06 -9.90
CA HIS A 74 -7.13 -5.03 -8.83
C HIS A 74 -7.00 -5.68 -7.47
N TYR A 75 -6.23 -5.03 -6.59
CA TYR A 75 -6.21 -5.43 -5.23
C TYR A 75 -7.54 -4.93 -4.67
N GLU A 76 -8.05 -5.63 -3.66
CA GLU A 76 -9.35 -5.32 -3.03
C GLU A 76 -9.21 -4.00 -2.35
N CYS A 77 -10.24 -3.15 -2.42
CA CYS A 77 -10.24 -1.86 -1.70
C CYS A 77 -11.30 -1.86 -0.66
N ILE A 78 -11.10 -1.01 0.33
CA ILE A 78 -12.13 -0.75 1.41
C ILE A 78 -12.63 0.61 1.07
N VAL A 79 -13.94 0.73 0.86
CA VAL A 79 -14.57 1.98 0.49
C VAL A 79 -14.95 2.74 1.77
N LEU A 80 -14.42 3.93 1.88
CA LEU A 80 -14.64 4.81 3.00
C LEU A 80 -15.23 6.11 2.56
N VAL A 81 -15.77 6.82 3.53
CA VAL A 81 -16.35 8.12 3.23
C VAL A 81 -15.81 9.19 4.14
N LYS A 82 -15.75 10.41 3.61
CA LYS A 82 -15.22 11.60 4.34
C LYS A 82 -16.32 12.65 4.38
N GLN A 83 -16.67 13.14 5.56
CA GLN A 83 -17.74 14.10 5.74
C GLN A 83 -17.43 15.01 6.88
N PHE A 84 -18.10 16.15 6.87
CA PHE A 84 -17.99 17.04 8.04
C PHE A 84 -18.92 16.54 9.14
N ARG A 85 -18.42 16.53 10.34
CA ARG A 85 -19.15 16.01 11.49
C ARG A 85 -19.25 17.15 12.47
N PRO A 86 -20.46 17.74 12.61
CA PRO A 86 -20.52 18.88 13.51
C PRO A 86 -20.06 18.61 14.97
N PRO A 87 -20.40 17.44 15.62
CA PRO A 87 -19.78 17.15 16.95
C PRO A 87 -18.26 17.28 17.10
N MET A 88 -17.55 16.84 16.06
CA MET A 88 -16.14 16.96 15.99
C MET A 88 -15.61 18.30 15.54
N GLY A 89 -16.44 19.18 14.97
CA GLY A 89 -15.96 20.44 14.35
C GLY A 89 -14.91 20.26 13.20
N GLY A 90 -15.07 19.21 12.40
CA GLY A 90 -14.09 18.87 11.41
C GLY A 90 -14.52 17.63 10.60
N TYR A 91 -13.69 17.31 9.62
CA TYR A 91 -13.86 16.19 8.72
C TYR A 91 -13.36 14.83 9.29
N CYS A 92 -14.13 13.77 9.02
CA CYS A 92 -13.84 12.49 9.56
C CYS A 92 -13.89 11.48 8.46
N ILE A 93 -13.06 10.47 8.54
CA ILE A 93 -13.05 9.36 7.56
C ILE A 93 -13.65 8.13 8.29
N GLU A 94 -14.71 7.58 7.72
CA GLU A 94 -15.50 6.53 8.39
C GLU A 94 -15.94 5.46 7.37
N PHE A 95 -16.41 4.34 7.91
CA PHE A 95 -17.19 3.41 7.11
C PHE A 95 -18.49 4.14 6.77
N PRO A 96 -19.05 3.91 5.55
CA PRO A 96 -20.39 4.35 5.19
C PRO A 96 -21.39 3.83 6.28
N ALA A 97 -22.33 4.66 6.68
CA ALA A 97 -23.15 4.37 7.88
C ALA A 97 -24.34 5.24 7.88
N GLY A 98 -25.38 4.78 8.59
CA GLY A 98 -26.59 5.60 8.78
C GLY A 98 -27.51 4.88 9.73
N LEU A 99 -28.51 5.61 10.22
CA LEU A 99 -29.47 5.02 11.11
C LEU A 99 -30.44 4.06 10.34
N ILE A 100 -30.99 3.07 11.04
CA ILE A 100 -31.89 2.13 10.45
C ILE A 100 -33.27 2.75 10.48
N ASP A 101 -33.96 2.80 9.34
CA ASP A 101 -35.32 3.42 9.30
C ASP A 101 -36.26 2.46 10.04
N ASP A 102 -37.38 2.96 10.58
CA ASP A 102 -38.41 2.07 11.24
C ASP A 102 -38.87 1.01 10.23
N GLY A 103 -38.83 -0.27 10.59
CA GLY A 103 -39.28 -1.35 9.76
C GLY A 103 -38.22 -1.91 8.83
N GLU A 104 -37.09 -1.20 8.74
CA GLU A 104 -36.03 -1.57 7.84
C GLU A 104 -35.12 -2.65 8.52
N THR A 105 -34.68 -3.64 7.78
CA THR A 105 -33.72 -4.60 8.32
C THR A 105 -32.30 -3.95 8.35
N PRO A 106 -31.41 -4.49 9.18
CA PRO A 106 -30.02 -3.95 9.11
C PRO A 106 -29.40 -4.13 7.72
N GLU A 107 -29.57 -5.25 7.10
CA GLU A 107 -29.01 -5.51 5.79
C GLU A 107 -29.49 -4.52 4.73
N ALA A 108 -30.80 -4.33 4.68
CA ALA A 108 -31.42 -3.31 3.80
C ALA A 108 -30.87 -1.90 4.07
N ALA A 109 -30.81 -1.50 5.33
CA ALA A 109 -30.22 -0.19 5.76
C ALA A 109 -28.80 -0.05 5.25
N ALA A 110 -27.99 -1.10 5.40
CA ALA A 110 -26.57 -1.10 4.92
C ALA A 110 -26.45 -0.94 3.44
N LEU A 111 -27.19 -1.72 2.69
CA LEU A 111 -27.11 -1.63 1.22
C LEU A 111 -27.63 -0.28 0.76
N ARG A 112 -28.65 0.20 1.42
CA ARG A 112 -29.24 1.50 1.07
C ARG A 112 -28.28 2.66 1.36
N GLU A 113 -27.75 2.70 2.58
CA GLU A 113 -26.77 3.69 2.98
C GLU A 113 -25.52 3.64 2.08
N LEU A 114 -25.02 2.44 1.79
CA LEU A 114 -23.88 2.32 0.92
C LEU A 114 -24.14 2.93 -0.48
N GLU A 115 -25.32 2.66 -1.05
CA GLU A 115 -25.70 3.25 -2.29
C GLU A 115 -25.86 4.77 -2.20
N GLU A 116 -26.52 5.29 -1.17
CA GLU A 116 -26.75 6.74 -1.02
C GLU A 116 -25.43 7.50 -0.86
N GLU A 117 -24.52 6.89 -0.10
CA GLU A 117 -23.29 7.60 0.30
C GLU A 117 -22.19 7.43 -0.77
N THR A 118 -22.15 6.29 -1.44
CA THR A 118 -21.08 6.01 -2.39
C THR A 118 -21.46 5.86 -3.83
N GLY A 119 -22.74 5.57 -4.09
CA GLY A 119 -23.16 5.13 -5.42
C GLY A 119 -23.06 3.64 -5.69
N TYR A 120 -22.29 2.91 -4.91
CA TYR A 120 -22.14 1.50 -5.17
C TYR A 120 -23.30 0.63 -4.72
N LYS A 121 -23.55 -0.40 -5.55
CA LYS A 121 -24.52 -1.41 -5.25
C LYS A 121 -23.84 -2.66 -4.80
N GLY A 122 -23.96 -2.91 -3.51
CA GLY A 122 -23.28 -4.04 -2.93
C GLY A 122 -24.05 -5.33 -2.85
N ASP A 123 -23.35 -6.39 -2.46
CA ASP A 123 -24.00 -7.72 -2.05
C ASP A 123 -23.70 -8.07 -0.62
N ILE A 124 -24.70 -8.42 0.16
CA ILE A 124 -24.50 -8.78 1.53
C ILE A 124 -23.51 -9.95 1.67
N ALA A 125 -22.53 -9.82 2.57
CA ALA A 125 -21.63 -10.94 2.98
C ALA A 125 -21.92 -11.43 4.37
N GLU A 126 -21.99 -10.55 5.35
CA GLU A 126 -22.26 -10.91 6.77
C GLU A 126 -22.77 -9.74 7.50
N CYS A 127 -23.39 -10.03 8.61
CA CYS A 127 -24.06 -8.99 9.43
C CYS A 127 -23.81 -9.33 10.88
N SER A 128 -23.20 -8.41 11.63
CA SER A 128 -22.93 -8.62 13.03
C SER A 128 -24.16 -8.55 13.91
N PRO A 129 -24.09 -9.14 15.11
CA PRO A 129 -25.03 -8.67 16.14
C PRO A 129 -24.82 -7.15 16.46
N ALA A 130 -25.83 -6.57 17.11
CA ALA A 130 -25.74 -5.23 17.61
C ALA A 130 -24.51 -5.09 18.49
N VAL A 131 -23.68 -4.11 18.15
CA VAL A 131 -22.41 -3.87 18.86
C VAL A 131 -22.44 -2.39 19.36
N CYS A 132 -21.78 -2.10 20.47
CA CYS A 132 -21.95 -0.82 21.21
C CYS A 132 -20.89 0.17 20.73
N MET A 133 -21.34 1.37 20.45
CA MET A 133 -20.51 2.47 19.99
C MET A 133 -19.56 3.08 21.02
N ASP A 134 -19.98 3.25 22.28
CA ASP A 134 -19.16 3.92 23.25
C ASP A 134 -19.92 3.71 24.57
N PRO A 135 -19.83 2.51 25.10
CA PRO A 135 -20.79 2.03 26.09
C PRO A 135 -20.60 2.68 27.43
N GLY A 136 -19.49 3.34 27.69
CA GLY A 136 -19.37 4.14 28.91
C GLY A 136 -20.06 5.48 28.88
N LEU A 137 -20.51 5.87 27.69
CA LEU A 137 -21.16 7.16 27.43
C LEU A 137 -22.63 7.02 27.03
N SER A 138 -22.89 6.16 26.07
CA SER A 138 -24.16 6.05 25.41
C SER A 138 -24.70 4.60 25.26
N ASN A 139 -25.97 4.46 24.99
CA ASN A 139 -26.55 3.17 24.66
C ASN A 139 -26.50 2.88 23.17
N CYS A 140 -25.87 3.70 22.37
CA CYS A 140 -25.94 3.55 20.93
C CYS A 140 -25.28 2.26 20.48
N THR A 141 -25.96 1.64 19.53
CA THR A 141 -25.50 0.38 18.93
C THR A 141 -25.63 0.47 17.39
N ILE A 142 -24.83 -0.36 16.73
CA ILE A 142 -24.96 -0.63 15.33
C ILE A 142 -24.84 -2.06 15.02
N HIS A 143 -25.29 -2.43 13.83
CA HIS A 143 -24.81 -3.63 13.16
C HIS A 143 -23.69 -3.26 12.19
N ILE A 144 -22.59 -4.03 12.24
CA ILE A 144 -21.53 -3.90 11.30
C ILE A 144 -21.83 -4.93 10.18
N VAL A 145 -22.05 -4.43 8.98
CA VAL A 145 -22.48 -5.24 7.80
C VAL A 145 -21.42 -5.24 6.77
N THR A 146 -20.85 -6.43 6.52
CA THR A 146 -19.87 -6.64 5.47
C THR A 146 -20.57 -6.84 4.17
N VAL A 147 -20.12 -6.11 3.12
CA VAL A 147 -20.70 -6.13 1.86
C VAL A 147 -19.60 -6.18 0.87
N THR A 148 -19.76 -7.02 -0.15
CA THR A 148 -18.85 -7.03 -1.31
C THR A 148 -19.45 -6.20 -2.42
N ILE A 149 -18.60 -5.52 -3.18
CA ILE A 149 -19.05 -4.74 -4.28
C ILE A 149 -18.35 -5.31 -5.51
N ASN A 150 -19.14 -5.72 -6.52
CA ASN A 150 -18.55 -6.30 -7.75
C ASN A 150 -18.26 -5.09 -8.59
N GLY A 151 -17.00 -4.64 -8.54
CA GLY A 151 -16.67 -3.45 -9.31
C GLY A 151 -16.54 -3.73 -10.81
N ASP A 152 -16.61 -4.99 -11.20
CA ASP A 152 -16.71 -5.34 -12.65
C ASP A 152 -18.14 -5.16 -13.24
N ASP A 153 -19.17 -5.16 -12.38
CA ASP A 153 -20.53 -4.92 -12.87
C ASP A 153 -20.72 -3.49 -13.41
N ALA A 154 -21.38 -3.35 -14.56
CA ALA A 154 -21.71 -2.02 -15.14
C ALA A 154 -22.42 -1.02 -14.17
N GLU A 155 -23.25 -1.57 -13.26
CA GLU A 155 -23.92 -0.80 -12.20
C GLU A 155 -22.91 0.02 -11.38
N ASN A 156 -21.72 -0.53 -11.20
CA ASN A 156 -20.74 0.03 -10.30
C ASN A 156 -19.58 0.65 -11.01
N ALA A 157 -19.81 1.06 -12.26
CA ALA A 157 -18.73 1.51 -13.14
C ALA A 157 -18.35 2.92 -12.76
N ARG A 158 -19.30 3.86 -12.88
CA ARG A 158 -19.05 5.25 -12.50
C ARG A 158 -20.10 5.71 -11.44
N PRO A 159 -20.12 5.09 -10.25
CA PRO A 159 -21.13 5.29 -9.21
C PRO A 159 -21.18 6.75 -8.70
N LYS A 160 -22.38 7.34 -8.61
CA LYS A 160 -22.60 8.71 -8.12
C LYS A 160 -23.31 8.66 -6.77
N PRO A 161 -22.66 9.17 -5.69
CA PRO A 161 -23.41 9.32 -4.41
C PRO A 161 -24.76 9.99 -4.60
N LYS A 162 -25.83 9.43 -4.02
CA LYS A 162 -27.15 10.10 -3.90
C LYS A 162 -27.34 10.72 -2.50
N PRO A 163 -26.73 11.89 -2.26
CA PRO A 163 -26.85 12.48 -0.93
C PRO A 163 -28.28 12.94 -0.59
N GLY A 164 -28.73 12.67 0.63
CA GLY A 164 -30.00 13.19 1.13
C GLY A 164 -29.85 14.65 1.46
N ASP A 165 -30.90 15.26 2.00
CA ASP A 165 -30.85 16.69 2.37
C ASP A 165 -29.85 16.86 3.52
N GLY A 166 -28.85 17.73 3.33
CA GLY A 166 -27.82 17.96 4.35
C GLY A 166 -26.64 16.96 4.39
N GLU A 167 -26.62 16.01 3.45
CA GLU A 167 -25.53 15.04 3.29
C GLU A 167 -24.59 15.59 2.23
N PHE A 168 -23.29 15.52 2.50
CA PHE A 168 -22.24 15.98 1.59
C PHE A 168 -21.04 15.06 1.83
N VAL A 169 -20.96 14.02 1.04
CA VAL A 169 -20.06 12.93 1.35
C VAL A 169 -19.06 12.77 0.19
N GLU A 170 -17.78 12.60 0.53
CA GLU A 170 -16.72 12.25 -0.44
C GLU A 170 -16.37 10.77 -0.27
N VAL A 171 -16.18 10.05 -1.37
CA VAL A 171 -15.79 8.66 -1.35
C VAL A 171 -14.27 8.46 -1.44
N ILE A 172 -13.72 7.63 -0.58
CA ILE A 172 -12.29 7.34 -0.57
C ILE A 172 -12.10 5.83 -0.53
N SER A 173 -11.61 5.28 -1.62
CA SER A 173 -11.30 3.82 -1.67
C SER A 173 -9.85 3.54 -1.51
N LEU A 174 -9.48 2.72 -0.55
CA LEU A 174 -8.08 2.46 -0.22
C LEU A 174 -7.81 1.01 -0.29
N PRO A 175 -6.61 0.61 -0.78
CA PRO A 175 -6.32 -0.80 -0.87
C PRO A 175 -6.26 -1.46 0.46
N LYS A 176 -7.00 -2.55 0.59
CA LYS A 176 -6.97 -3.33 1.80
C LYS A 176 -5.58 -3.76 2.28
N ASN A 177 -4.69 -4.08 1.33
CA ASN A 177 -3.38 -4.57 1.64
C ASN A 177 -2.46 -3.45 2.13
N ASP A 178 -2.90 -2.19 2.12
CA ASP A 178 -2.03 -1.07 2.62
C ASP A 178 -2.85 -0.08 3.46
N LEU A 179 -3.94 -0.57 4.11
CA LEU A 179 -4.97 0.37 4.55
C LEU A 179 -4.42 1.33 5.65
N LEU A 180 -3.74 0.79 6.63
CA LEU A 180 -3.28 1.59 7.73
C LEU A 180 -2.31 2.68 7.24
N GLN A 181 -1.37 2.33 6.35
CA GLN A 181 -0.42 3.34 5.87
C GLN A 181 -1.10 4.37 5.04
N ARG A 182 -2.14 3.98 4.30
CA ARG A 182 -2.82 4.94 3.48
C ARG A 182 -3.65 5.93 4.29
N LEU A 183 -4.25 5.41 5.36
CA LEU A 183 -4.93 6.26 6.35
C LEU A 183 -3.96 7.26 7.03
N ASP A 184 -2.84 6.73 7.48
CA ASP A 184 -1.75 7.58 8.09
C ASP A 184 -1.35 8.67 7.08
N ALA A 185 -1.14 8.33 5.82
CA ALA A 185 -0.78 9.35 4.85
C ALA A 185 -1.88 10.39 4.63
N LEU A 186 -3.16 9.99 4.69
CA LEU A 186 -4.21 11.01 4.63
C LEU A 186 -4.25 11.92 5.86
N VAL A 187 -4.03 11.37 7.06
CA VAL A 187 -3.99 12.13 8.31
C VAL A 187 -2.74 13.03 8.30
N ALA A 188 -1.62 12.53 7.78
CA ALA A 188 -0.40 13.40 7.65
C ALA A 188 -0.61 14.61 6.70
N GLU A 189 -1.48 14.51 5.68
CA GLU A 189 -1.70 15.59 4.70
C GLU A 189 -2.72 16.74 4.97
N GLU A 190 -3.74 16.48 5.78
CA GLU A 190 -4.68 17.53 6.22
C GLU A 190 -5.18 17.28 7.63
N HIS A 191 -5.98 18.20 8.13
CA HIS A 191 -6.63 18.03 9.43
C HIS A 191 -7.87 17.17 9.23
N LEU A 192 -7.81 15.94 9.70
CA LEU A 192 -8.99 15.08 9.67
C LEU A 192 -8.81 13.99 10.71
N THR A 193 -9.89 13.34 11.06
CA THR A 193 -9.86 12.35 12.10
C THR A 193 -10.33 11.05 11.45
N VAL A 194 -9.62 10.00 11.74
CA VAL A 194 -10.05 8.71 11.30
C VAL A 194 -10.91 8.15 12.41
N ASP A 195 -11.99 7.50 12.00
CA ASP A 195 -12.84 6.79 12.95
C ASP A 195 -12.19 5.61 13.65
N ALA A 196 -12.51 5.46 14.90
CA ALA A 196 -11.96 4.33 15.66
C ALA A 196 -12.22 2.93 15.11
N ARG A 197 -13.39 2.70 14.52
CA ARG A 197 -13.67 1.37 13.92
C ARG A 197 -12.83 1.13 12.67
N VAL A 198 -12.71 2.16 11.85
CA VAL A 198 -11.86 2.06 10.68
C VAL A 198 -10.41 1.79 11.09
N TYR A 199 -9.94 2.52 12.11
CA TYR A 199 -8.52 2.36 12.54
C TYR A 199 -8.31 0.97 13.10
N SER A 200 -9.30 0.47 13.83
CA SER A 200 -9.21 -0.82 14.47
C SER A 200 -9.12 -1.90 13.41
N TYR A 201 -9.97 -1.78 12.42
CA TYR A 201 -10.01 -2.72 11.29
C TYR A 201 -8.66 -2.65 10.54
N ALA A 202 -8.16 -1.46 10.21
CA ALA A 202 -6.84 -1.32 9.58
C ALA A 202 -5.66 -1.87 10.38
N LEU A 203 -5.67 -1.65 11.69
CA LEU A 203 -4.70 -2.30 12.58
C LEU A 203 -4.73 -3.84 12.56
N ALA A 204 -5.95 -4.46 12.64
CA ALA A 204 -6.01 -5.91 12.60
C ALA A 204 -5.49 -6.42 11.22
N LEU A 205 -5.78 -5.72 10.12
CA LEU A 205 -5.23 -6.10 8.81
C LEU A 205 -3.69 -6.17 8.87
N LYS A 206 -3.08 -5.19 9.52
CA LYS A 206 -1.61 -5.19 9.76
C LYS A 206 -1.20 -6.31 10.68
N HIS A 207 -1.84 -6.48 11.83
CA HIS A 207 -1.48 -7.51 12.77
C HIS A 207 -1.70 -8.93 12.25
N ALA A 208 -2.60 -9.14 11.28
CA ALA A 208 -2.82 -10.45 10.75
C ALA A 208 -1.60 -10.83 9.86
N LYS B 15 -14.72 24.00 3.42
CA LYS B 15 -16.06 24.47 3.03
C LYS B 15 -16.97 24.49 4.25
N GLN B 16 -16.93 23.47 5.12
CA GLN B 16 -17.86 23.42 6.28
C GLN B 16 -17.15 23.76 7.55
N TYR B 17 -17.84 24.38 8.49
CA TYR B 17 -17.18 24.85 9.70
C TYR B 17 -18.23 25.20 10.75
N ILE B 18 -17.79 25.27 12.00
CA ILE B 18 -18.64 25.58 13.12
C ILE B 18 -18.76 27.12 13.18
N ILE B 19 -19.95 27.61 13.39
CA ILE B 19 -20.22 29.00 13.62
C ILE B 19 -20.29 29.26 15.13
N SER B 20 -21.17 28.52 15.82
CA SER B 20 -21.34 28.65 17.26
C SER B 20 -21.88 27.40 17.91
N GLU B 21 -21.76 27.38 19.24
CA GLU B 21 -22.18 26.29 20.06
C GLU B 21 -23.00 26.88 21.18
N GLU B 22 -24.19 26.32 21.35
CA GLU B 22 -25.08 26.67 22.41
C GLU B 22 -25.17 25.54 23.42
N LEU B 23 -24.74 25.78 24.64
CA LEU B 23 -25.02 24.82 25.73
C LEU B 23 -26.50 24.49 25.94
N ILE B 24 -26.86 23.21 25.91
CA ILE B 24 -28.24 22.83 26.23
C ILE B 24 -28.27 22.32 27.67
N SER B 25 -27.30 21.52 28.07
CA SER B 25 -27.36 20.93 29.43
C SER B 25 -26.03 20.35 29.81
N GLU B 26 -25.57 20.61 31.04
CA GLU B 26 -24.24 20.21 31.47
C GLU B 26 -24.33 19.42 32.74
N GLY B 27 -23.93 18.15 32.70
CA GLY B 27 -23.86 17.38 33.93
C GLY B 27 -22.46 17.48 34.49
N LYS B 28 -22.14 16.58 35.38
CA LYS B 28 -20.81 16.46 35.90
C LYS B 28 -19.81 15.86 34.92
N TRP B 29 -20.27 14.93 34.09
CA TRP B 29 -19.42 14.14 33.20
C TRP B 29 -19.67 14.39 31.69
N VAL B 30 -20.88 14.79 31.33
CA VAL B 30 -21.32 14.85 29.94
C VAL B 30 -22.09 16.14 29.80
N LYS B 31 -21.90 16.81 28.67
CA LYS B 31 -22.78 17.91 28.25
C LYS B 31 -23.40 17.71 26.87
N LEU B 32 -24.58 18.31 26.65
CA LEU B 32 -25.30 18.37 25.39
C LEU B 32 -25.32 19.78 24.86
N GLU B 33 -24.87 19.94 23.62
CA GLU B 33 -24.79 21.24 22.91
C GLU B 33 -25.60 21.29 21.62
N LYS B 34 -25.96 22.48 21.16
CA LYS B 34 -26.59 22.61 19.86
C LYS B 34 -25.58 23.36 19.04
N THR B 35 -25.03 22.68 18.05
CA THR B 35 -23.97 23.19 17.20
C THR B 35 -24.58 23.82 16.00
N THR B 36 -24.23 25.11 15.77
CA THR B 36 -24.54 25.72 14.49
C THR B 36 -23.35 25.67 13.50
N TYR B 37 -23.62 25.20 12.29
CA TYR B 37 -22.57 25.06 11.27
C TYR B 37 -23.04 25.49 9.88
N MET B 38 -22.06 25.71 9.01
CA MET B 38 -22.30 26.12 7.64
C MET B 38 -22.24 24.91 6.77
N ASP B 39 -23.30 24.66 6.03
CA ASP B 39 -23.35 23.51 5.18
C ASP B 39 -22.60 23.92 3.90
N PRO B 40 -22.20 22.96 3.07
CA PRO B 40 -21.34 23.41 1.95
C PRO B 40 -22.04 24.25 0.88
N THR B 41 -23.37 24.27 0.85
CA THR B 41 -24.09 25.25 0.02
C THR B 41 -24.01 26.72 0.50
N GLY B 42 -23.60 26.98 1.74
CA GLY B 42 -23.79 28.33 2.31
C GLY B 42 -25.07 28.49 3.15
N LYS B 43 -25.73 27.37 3.46
CA LYS B 43 -26.91 27.34 4.34
C LYS B 43 -26.50 26.88 5.76
N THR B 44 -27.07 27.54 6.74
CA THR B 44 -26.72 27.43 8.12
C THR B 44 -27.62 26.33 8.68
N ARG B 45 -27.05 25.41 9.47
CA ARG B 45 -27.78 24.21 10.00
C ARG B 45 -27.36 23.95 11.42
N THR B 46 -28.17 23.17 12.17
CA THR B 46 -27.90 22.85 13.53
C THR B 46 -27.74 21.30 13.72
N TRP B 47 -27.05 20.94 14.77
CA TRP B 47 -26.72 19.52 15.08
C TRP B 47 -26.72 19.42 16.61
N GLU B 48 -27.34 18.36 17.14
CA GLU B 48 -27.26 18.14 18.61
C GLU B 48 -26.06 17.24 18.84
N SER B 49 -25.11 17.75 19.64
CA SER B 49 -23.80 17.19 19.85
C SER B 49 -23.57 16.91 21.35
N VAL B 50 -22.91 15.80 21.66
CA VAL B 50 -22.53 15.46 23.02
C VAL B 50 -21.04 15.69 23.16
N LYS B 51 -20.62 16.15 24.33
CA LYS B 51 -19.23 16.27 24.68
C LYS B 51 -19.02 15.81 26.13
N ARG B 52 -17.85 15.24 26.40
CA ARG B 52 -17.43 15.03 27.80
C ARG B 52 -16.99 16.36 28.42
N THR B 53 -17.13 16.47 29.74
CA THR B 53 -16.67 17.67 30.47
C THR B 53 -15.23 17.53 30.97
N THR B 54 -14.61 16.37 30.77
CA THR B 54 -13.37 15.96 31.42
C THR B 54 -12.10 16.20 30.57
N ARG B 55 -12.26 16.55 29.32
CA ARG B 55 -11.10 16.74 28.48
C ARG B 55 -10.41 18.07 28.85
N LYS B 56 -9.08 18.12 28.78
CA LYS B 56 -8.33 19.35 29.06
C LYS B 56 -7.38 19.66 27.90
N GLN B 58 -5.29 17.48 26.72
CA GLN B 58 -5.08 16.08 26.33
C GLN B 58 -5.17 15.91 24.81
N THR B 59 -4.47 14.89 24.31
CA THR B 59 -4.49 14.41 22.90
C THR B 59 -5.87 13.92 22.42
N ALA B 60 -6.71 13.56 23.38
CA ALA B 60 -7.91 12.71 23.23
C ALA B 60 -8.53 12.52 24.62
N ASP B 61 -9.81 12.14 24.67
CA ASP B 61 -10.45 11.83 25.97
C ASP B 61 -9.80 10.66 26.67
N GLY B 62 -9.48 9.62 25.90
CA GLY B 62 -9.25 8.27 26.46
C GLY B 62 -8.23 7.48 25.64
N VAL B 63 -7.94 6.28 26.15
CA VAL B 63 -7.22 5.27 25.42
C VAL B 63 -7.97 4.01 25.44
N ALA B 64 -7.77 3.19 24.42
CA ALA B 64 -8.21 1.81 24.45
C ALA B 64 -6.99 0.99 24.08
N VAL B 65 -6.85 -0.14 24.71
CA VAL B 65 -5.66 -0.91 24.61
C VAL B 65 -5.96 -2.20 23.90
N ILE B 66 -5.22 -2.44 22.83
CA ILE B 66 -5.21 -3.76 22.20
C ILE B 66 -4.08 -4.64 22.83
N PRO B 67 -4.43 -5.51 23.83
CA PRO B 67 -3.39 -6.25 24.56
C PRO B 67 -3.20 -7.65 24.00
N VAL B 68 -2.05 -7.85 23.38
CA VAL B 68 -1.68 -9.09 22.76
C VAL B 68 -0.86 -9.93 23.79
N LEU B 69 -1.51 -10.94 24.36
CA LEU B 69 -0.90 -11.82 25.35
C LEU B 69 -0.12 -12.97 24.67
N GLN B 70 1.18 -12.95 24.86
CA GLN B 70 2.09 -13.86 24.14
C GLN B 70 2.73 -14.81 25.13
N ARG B 71 2.34 -16.06 25.08
CA ARG B 71 2.96 -17.11 25.84
C ARG B 71 3.51 -18.16 24.88
N THR B 72 4.74 -18.57 25.10
CA THR B 72 5.26 -19.62 24.27
C THR B 72 4.44 -20.93 24.41
N LEU B 73 4.32 -21.63 23.29
CA LEU B 73 3.58 -22.91 23.12
C LEU B 73 2.09 -22.76 23.33
N HIS B 74 1.60 -21.53 23.21
CA HIS B 74 0.18 -21.22 23.34
C HIS B 74 -0.22 -20.33 22.20
N TYR B 75 -1.52 -20.32 21.87
CA TYR B 75 -2.02 -19.33 20.97
C TYR B 75 -1.88 -17.97 21.57
N GLU B 76 -1.60 -17.02 20.70
CA GLU B 76 -1.59 -15.63 21.03
C GLU B 76 -3.06 -15.29 21.32
N CYS B 77 -3.27 -14.56 22.40
CA CYS B 77 -4.61 -14.11 22.85
C CYS B 77 -4.71 -12.56 22.84
N ILE B 78 -5.94 -12.08 22.66
CA ILE B 78 -6.29 -10.71 22.86
C ILE B 78 -7.07 -10.69 24.19
N VAL B 79 -6.60 -9.85 25.11
CA VAL B 79 -7.14 -9.74 26.47
C VAL B 79 -8.28 -8.71 26.47
N LEU B 80 -9.46 -9.11 26.88
CA LEU B 80 -10.59 -8.20 26.87
C LEU B 80 -11.20 -8.15 28.24
N VAL B 81 -12.05 -7.17 28.41
CA VAL B 81 -12.66 -6.93 29.68
C VAL B 81 -14.17 -6.92 29.52
N LYS B 82 -14.83 -7.42 30.54
CA LYS B 82 -16.30 -7.50 30.61
C LYS B 82 -16.71 -6.70 31.86
N GLN B 83 -17.62 -5.75 31.67
CA GLN B 83 -18.03 -4.79 32.72
C GLN B 83 -19.49 -4.45 32.51
N PHE B 84 -20.17 -4.10 33.61
CA PHE B 84 -21.54 -3.61 33.51
C PHE B 84 -21.43 -2.17 33.02
N ARG B 85 -22.25 -1.82 32.04
CA ARG B 85 -22.19 -0.44 31.48
C ARG B 85 -23.50 0.24 31.63
N PRO B 86 -23.57 1.17 32.58
CA PRO B 86 -24.93 1.74 32.85
C PRO B 86 -25.66 2.35 31.65
N PRO B 87 -24.94 3.07 30.74
CA PRO B 87 -25.70 3.54 29.54
C PRO B 87 -26.30 2.41 28.73
N MET B 88 -25.66 1.24 28.72
CA MET B 88 -26.18 0.09 27.98
C MET B 88 -27.21 -0.74 28.72
N GLY B 89 -27.27 -0.64 30.03
CA GLY B 89 -28.17 -1.47 30.85
C GLY B 89 -27.76 -2.90 30.91
N GLY B 90 -26.47 -3.17 30.64
CA GLY B 90 -26.00 -4.53 30.50
C GLY B 90 -24.48 -4.60 30.49
N TYR B 91 -24.05 -5.83 30.35
CA TYR B 91 -22.63 -6.18 30.27
C TYR B 91 -22.13 -6.07 28.83
N CYS B 92 -20.94 -5.50 28.69
CA CYS B 92 -20.21 -5.33 27.44
C CYS B 92 -18.85 -5.93 27.51
N ILE B 93 -18.38 -6.36 26.35
CA ILE B 93 -17.04 -6.91 26.19
C ILE B 93 -16.27 -5.88 25.35
N GLU B 94 -15.15 -5.41 25.90
CA GLU B 94 -14.39 -4.28 25.37
C GLU B 94 -12.88 -4.48 25.51
N PHE B 95 -12.12 -3.72 24.75
CA PHE B 95 -10.70 -3.58 25.02
C PHE B 95 -10.55 -2.87 26.38
N PRO B 96 -9.49 -3.17 27.14
CA PRO B 96 -9.26 -2.35 28.32
C PRO B 96 -9.06 -0.89 27.91
N ALA B 97 -9.54 0.00 28.76
CA ALA B 97 -9.71 1.37 28.39
C ALA B 97 -10.06 2.26 29.56
N GLY B 98 -9.59 3.48 29.44
CA GLY B 98 -10.07 4.53 30.35
C GLY B 98 -9.61 5.90 29.85
N LEU B 99 -10.04 6.93 30.57
CA LEU B 99 -9.70 8.33 30.24
C LEU B 99 -8.25 8.62 30.65
N ILE B 100 -7.60 9.48 29.90
CA ILE B 100 -6.21 9.87 30.11
C ILE B 100 -6.21 10.96 31.22
N ASP B 101 -5.36 10.82 32.21
CA ASP B 101 -5.28 11.81 33.31
C ASP B 101 -4.61 13.08 32.79
N ASP B 102 -5.02 14.24 33.32
CA ASP B 102 -4.39 15.52 32.93
C ASP B 102 -2.86 15.40 33.06
N GLY B 103 -2.14 15.70 31.97
CA GLY B 103 -0.68 15.58 31.98
C GLY B 103 -0.12 14.18 31.87
N GLU B 104 -0.98 13.19 31.56
CA GLU B 104 -0.51 11.82 31.26
C GLU B 104 -0.32 11.67 29.75
N THR B 105 0.68 10.91 29.33
CA THR B 105 0.81 10.58 27.92
C THR B 105 -0.18 9.42 27.54
N PRO B 106 -0.56 9.33 26.24
CA PRO B 106 -1.45 8.18 25.94
C PRO B 106 -0.81 6.82 26.20
N GLU B 107 0.48 6.67 25.90
CA GLU B 107 1.19 5.42 26.21
C GLU B 107 1.13 5.05 27.70
N ALA B 108 1.30 6.04 28.56
CA ALA B 108 1.37 5.81 29.96
C ALA B 108 0.00 5.48 30.47
N ALA B 109 -1.02 6.16 29.93
CA ALA B 109 -2.42 5.88 30.25
C ALA B 109 -2.78 4.46 29.91
N ALA B 110 -2.29 4.01 28.78
CA ALA B 110 -2.53 2.63 28.28
C ALA B 110 -1.95 1.59 29.15
N LEU B 111 -0.66 1.75 29.51
CA LEU B 111 -0.08 0.78 30.42
C LEU B 111 -0.71 0.82 31.79
N ARG B 112 -1.04 2.01 32.30
CA ARG B 112 -1.71 2.09 33.58
C ARG B 112 -3.09 1.42 33.53
N GLU B 113 -3.95 1.81 32.55
CA GLU B 113 -5.29 1.18 32.43
C GLU B 113 -5.23 -0.32 32.24
N LEU B 114 -4.34 -0.77 31.37
CA LEU B 114 -4.15 -2.22 31.25
C LEU B 114 -3.86 -2.90 32.58
N GLU B 115 -2.93 -2.34 33.33
CA GLU B 115 -2.60 -2.94 34.64
C GLU B 115 -3.74 -2.90 35.63
N GLU B 116 -4.41 -1.76 35.74
CA GLU B 116 -5.55 -1.65 36.65
C GLU B 116 -6.69 -2.60 36.31
N GLU B 117 -6.99 -2.74 35.02
CA GLU B 117 -8.16 -3.51 34.58
C GLU B 117 -7.87 -5.01 34.46
N THR B 118 -6.64 -5.36 34.12
CA THR B 118 -6.29 -6.76 33.89
C THR B 118 -5.25 -7.38 34.86
N GLY B 119 -4.52 -6.55 35.61
CA GLY B 119 -3.28 -6.96 36.24
C GLY B 119 -2.08 -7.18 35.34
N TYR B 120 -2.22 -7.13 33.99
CA TYR B 120 -1.04 -7.33 33.15
C TYR B 120 -0.16 -6.12 32.97
N LYS B 121 1.15 -6.39 32.91
CA LYS B 121 2.20 -5.40 32.61
C LYS B 121 2.69 -5.60 31.24
N GLY B 122 2.57 -4.57 30.40
CA GLY B 122 2.73 -4.75 28.99
C GLY B 122 3.76 -3.79 28.49
N ASP B 123 4.10 -3.90 27.21
CA ASP B 123 5.02 -3.02 26.52
C ASP B 123 4.32 -2.39 25.35
N ILE B 124 4.59 -1.11 25.09
CA ILE B 124 3.99 -0.42 23.96
C ILE B 124 4.57 -0.95 22.64
N ALA B 125 3.69 -1.35 21.70
CA ALA B 125 4.12 -1.67 20.34
C ALA B 125 3.88 -0.51 19.42
N GLU B 126 2.69 0.09 19.47
CA GLU B 126 2.37 1.24 18.64
C GLU B 126 1.19 2.01 19.22
N CYS B 127 0.98 3.22 18.70
CA CYS B 127 0.01 4.19 19.24
C CYS B 127 -0.61 4.94 18.12
N SER B 128 -1.94 4.88 18.02
CA SER B 128 -2.63 5.61 16.97
C SER B 128 -2.65 7.10 17.24
N PRO B 129 -2.88 7.90 16.20
CA PRO B 129 -3.38 9.25 16.47
C PRO B 129 -4.79 9.22 17.11
N ALA B 130 -5.30 10.39 17.44
CA ALA B 130 -6.63 10.48 18.10
C ALA B 130 -7.64 10.05 17.03
N VAL B 131 -8.51 9.12 17.42
CA VAL B 131 -9.53 8.58 16.55
C VAL B 131 -10.91 8.81 17.18
N CYS B 132 -11.94 9.04 16.38
CA CYS B 132 -13.24 9.37 16.93
C CYS B 132 -14.10 8.12 17.26
N MET B 133 -14.80 8.23 18.37
CA MET B 133 -15.66 7.17 18.82
C MET B 133 -17.02 7.04 18.12
N ASP B 134 -17.72 8.18 17.94
CA ASP B 134 -18.99 8.18 17.33
C ASP B 134 -19.26 9.58 16.82
N PRO B 135 -18.74 9.94 15.62
CA PRO B 135 -18.55 11.37 15.36
C PRO B 135 -19.85 12.07 14.97
N GLY B 136 -20.91 11.30 14.62
CA GLY B 136 -22.22 11.85 14.40
C GLY B 136 -22.93 12.25 15.68
N LEU B 137 -22.45 11.73 16.79
CA LEU B 137 -23.11 12.00 18.06
C LEU B 137 -22.24 12.87 18.94
N SER B 138 -20.95 12.53 19.04
CA SER B 138 -20.03 13.14 20.04
C SER B 138 -18.70 13.55 19.51
N ASN B 139 -17.99 14.33 20.30
CA ASN B 139 -16.58 14.65 19.95
C ASN B 139 -15.58 13.76 20.56
N CYS B 140 -16.01 12.64 21.19
CA CYS B 140 -15.11 11.79 21.92
C CYS B 140 -14.07 11.13 21.02
N THR B 141 -12.83 11.20 21.51
CA THR B 141 -11.72 10.57 20.85
C THR B 141 -10.87 9.73 21.84
N ILE B 142 -10.18 8.73 21.28
CA ILE B 142 -9.24 7.90 21.97
C ILE B 142 -8.01 7.68 21.14
N HIS B 143 -6.92 7.29 21.84
CA HIS B 143 -5.79 6.67 21.17
C HIS B 143 -5.95 5.18 21.35
N ILE B 144 -5.82 4.44 20.25
CA ILE B 144 -5.74 2.98 20.31
C ILE B 144 -4.24 2.64 20.46
N VAL B 145 -3.94 1.88 21.50
CA VAL B 145 -2.55 1.58 21.86
C VAL B 145 -2.42 0.07 21.82
N THR B 146 -1.58 -0.40 20.89
CA THR B 146 -1.27 -1.79 20.77
C THR B 146 -0.15 -2.04 21.75
N VAL B 147 -0.32 -3.10 22.56
CA VAL B 147 0.60 -3.45 23.64
C VAL B 147 0.78 -4.95 23.62
N THR B 148 2.03 -5.41 23.75
CA THR B 148 2.26 -6.84 23.91
C THR B 148 2.49 -7.17 25.36
N ILE B 149 2.10 -8.35 25.79
CA ILE B 149 2.30 -8.76 27.15
C ILE B 149 3.11 -10.04 27.11
N ASN B 150 4.25 -10.05 27.80
CA ASN B 150 5.04 -11.28 27.82
C ASN B 150 4.49 -12.15 28.91
N GLY B 151 3.63 -13.08 28.54
CA GLY B 151 2.90 -13.87 29.49
C GLY B 151 3.79 -14.89 30.24
N ASP B 152 5.04 -15.08 29.83
CA ASP B 152 5.96 -16.01 30.44
C ASP B 152 6.83 -15.29 31.50
N ASP B 153 6.79 -13.95 31.57
CA ASP B 153 7.55 -13.16 32.59
C ASP B 153 6.89 -13.34 33.92
N ALA B 154 7.69 -13.30 34.99
CA ALA B 154 7.19 -13.56 36.34
C ALA B 154 6.15 -12.52 36.74
N GLU B 155 6.35 -11.25 36.34
CA GLU B 155 5.43 -10.21 36.77
C GLU B 155 3.97 -10.39 36.20
N ASN B 156 3.79 -11.27 35.20
CA ASN B 156 2.49 -11.59 34.57
C ASN B 156 2.03 -13.00 34.89
N ALA B 157 2.72 -13.69 35.80
CA ALA B 157 2.32 -15.05 36.18
C ALA B 157 0.93 -15.11 36.80
N ARG B 158 0.73 -14.26 37.80
CA ARG B 158 -0.51 -14.20 38.58
C ARG B 158 -0.98 -12.72 38.55
N PRO B 159 -1.55 -12.29 37.40
CA PRO B 159 -1.77 -10.85 37.17
C PRO B 159 -2.74 -10.21 38.18
N LYS B 160 -2.33 -9.13 38.87
CA LYS B 160 -3.12 -8.47 39.93
C LYS B 160 -4.00 -7.24 39.45
N PRO B 161 -5.31 -7.43 39.16
CA PRO B 161 -6.14 -6.29 38.73
C PRO B 161 -6.46 -5.32 39.87
N LYS B 162 -6.13 -4.04 39.69
CA LYS B 162 -6.37 -3.01 40.71
C LYS B 162 -7.53 -2.07 40.33
N PRO B 163 -8.78 -2.48 40.65
CA PRO B 163 -9.91 -1.53 40.50
C PRO B 163 -9.70 -0.17 41.18
N GLY B 164 -9.93 0.92 40.44
CA GLY B 164 -10.29 2.20 41.08
C GLY B 164 -11.66 2.09 41.76
N ASP B 165 -12.07 3.12 42.50
CA ASP B 165 -13.39 3.11 43.15
C ASP B 165 -14.50 2.96 42.10
N GLY B 166 -15.40 2.01 42.36
CA GLY B 166 -16.54 1.72 41.47
C GLY B 166 -16.26 1.01 40.15
N GLU B 167 -15.10 0.35 40.01
CA GLU B 167 -14.82 -0.49 38.83
C GLU B 167 -14.93 -1.97 39.20
N PHE B 168 -15.51 -2.74 38.31
CA PHE B 168 -15.77 -4.15 38.57
C PHE B 168 -15.62 -4.83 37.21
N VAL B 169 -14.41 -5.34 36.98
CA VAL B 169 -13.96 -5.74 35.67
C VAL B 169 -13.58 -7.23 35.68
N GLU B 170 -14.13 -8.00 34.76
CA GLU B 170 -13.76 -9.39 34.53
C GLU B 170 -12.87 -9.44 33.31
N VAL B 171 -11.83 -10.27 33.36
CA VAL B 171 -10.91 -10.42 32.27
C VAL B 171 -11.32 -11.64 31.43
N ILE B 172 -11.29 -11.46 30.11
CA ILE B 172 -11.57 -12.54 29.18
C ILE B 172 -10.51 -12.50 28.09
N SER B 173 -9.64 -13.53 28.08
CA SER B 173 -8.65 -13.70 27.03
C SER B 173 -9.08 -14.67 26.00
N LEU B 174 -8.99 -14.26 24.74
CA LEU B 174 -9.50 -15.04 23.66
C LEU B 174 -8.44 -15.20 22.63
N PRO B 175 -8.35 -16.39 22.00
CA PRO B 175 -7.35 -16.54 20.97
C PRO B 175 -7.51 -15.60 19.77
N LYS B 176 -6.43 -14.94 19.39
CA LYS B 176 -6.40 -14.01 18.31
C LYS B 176 -6.81 -14.70 17.01
N ASN B 177 -6.35 -15.96 16.83
CA ASN B 177 -6.66 -16.70 15.59
C ASN B 177 -8.13 -17.10 15.32
N ASP B 178 -8.98 -17.08 16.34
CA ASP B 178 -10.39 -17.45 16.18
C ASP B 178 -11.26 -16.35 16.82
N LEU B 179 -10.78 -15.10 16.87
CA LEU B 179 -11.37 -14.06 17.77
C LEU B 179 -12.84 -13.87 17.45
N LEU B 180 -13.18 -13.66 16.16
CA LEU B 180 -14.55 -13.35 15.76
C LEU B 180 -15.56 -14.48 16.11
N GLN B 181 -15.21 -15.71 15.78
CA GLN B 181 -16.04 -16.87 16.22
C GLN B 181 -16.20 -16.96 17.74
N ARG B 182 -15.13 -16.72 18.48
CA ARG B 182 -15.26 -16.76 19.94
C ARG B 182 -16.13 -15.66 20.51
N LEU B 183 -16.09 -14.48 19.89
CA LEU B 183 -16.91 -13.38 20.33
C LEU B 183 -18.38 -13.68 20.04
N ASP B 184 -18.65 -14.13 18.82
CA ASP B 184 -20.03 -14.54 18.43
C ASP B 184 -20.58 -15.56 19.43
N ALA B 185 -19.75 -16.49 19.88
CA ALA B 185 -20.21 -17.53 20.82
C ALA B 185 -20.56 -16.93 22.19
N LEU B 186 -19.76 -15.98 22.66
CA LEU B 186 -20.08 -15.31 23.92
C LEU B 186 -21.40 -14.57 23.87
N VAL B 187 -21.64 -13.80 22.81
CA VAL B 187 -22.90 -13.12 22.55
C VAL B 187 -24.10 -14.13 22.47
N ALA B 188 -23.92 -15.26 21.78
CA ALA B 188 -24.96 -16.29 21.68
C ALA B 188 -25.31 -16.98 23.03
N GLU B 189 -24.31 -17.21 23.88
CA GLU B 189 -24.53 -17.91 25.15
C GLU B 189 -24.77 -16.97 26.33
N GLU B 190 -24.07 -15.85 26.37
CA GLU B 190 -23.93 -15.05 27.61
C GLU B 190 -24.78 -13.76 27.67
N HIS B 191 -25.59 -13.49 26.64
CA HIS B 191 -26.25 -12.16 26.40
C HIS B 191 -25.44 -10.93 26.82
N LEU B 192 -24.36 -10.73 26.08
CA LEU B 192 -23.41 -9.66 26.23
C LEU B 192 -23.46 -8.79 24.94
N THR B 193 -23.02 -7.54 25.00
CA THR B 193 -22.78 -6.73 23.81
C THR B 193 -21.29 -6.56 23.62
N VAL B 194 -20.80 -6.84 22.40
CA VAL B 194 -19.47 -6.66 22.03
C VAL B 194 -19.29 -5.22 21.56
N ASP B 195 -18.19 -4.64 21.94
CA ASP B 195 -17.80 -3.34 21.50
C ASP B 195 -17.47 -3.25 20.02
N ALA B 196 -17.86 -2.12 19.39
CA ALA B 196 -17.72 -2.00 17.94
C ALA B 196 -16.30 -2.02 17.44
N ARG B 197 -15.37 -1.47 18.25
CA ARG B 197 -13.97 -1.49 17.89
C ARG B 197 -13.38 -2.93 17.99
N VAL B 198 -13.74 -3.64 19.04
CA VAL B 198 -13.38 -5.07 19.20
C VAL B 198 -13.91 -5.89 18.03
N TYR B 199 -15.17 -5.69 17.68
CA TYR B 199 -15.76 -6.47 16.62
C TYR B 199 -15.11 -6.13 15.25
N SER B 200 -14.78 -4.87 15.06
CA SER B 200 -14.15 -4.45 13.82
C SER B 200 -12.76 -5.08 13.65
N TYR B 201 -12.02 -5.08 14.73
CA TYR B 201 -10.67 -5.72 14.78
C TYR B 201 -10.80 -7.22 14.49
N ALA B 202 -11.76 -7.88 15.14
CA ALA B 202 -12.01 -9.30 14.92
C ALA B 202 -12.35 -9.63 13.49
N LEU B 203 -13.23 -8.80 12.89
CA LEU B 203 -13.56 -8.95 11.51
C LEU B 203 -12.38 -8.87 10.60
N ALA B 204 -11.59 -7.82 10.72
CA ALA B 204 -10.40 -7.65 9.86
C ALA B 204 -9.35 -8.77 10.03
N LEU B 205 -9.26 -9.37 11.22
CA LEU B 205 -8.39 -10.58 11.44
C LEU B 205 -8.88 -11.71 10.53
N LYS B 206 -10.19 -11.87 10.40
CA LYS B 206 -10.76 -12.84 9.44
C LYS B 206 -10.62 -12.41 7.99
N HIS B 207 -10.92 -11.17 7.68
CA HIS B 207 -10.87 -10.67 6.32
C HIS B 207 -9.46 -10.51 5.68
N ALA B 208 -8.41 -10.55 6.51
CA ALA B 208 -7.07 -10.26 6.04
C ALA B 208 -6.67 -11.35 5.02
N ASN B 209 -5.96 -10.89 3.99
CA ASN B 209 -5.72 -11.61 2.71
C ASN B 209 -6.68 -12.78 2.33
N GLN C 16 -6.24 -12.50 -19.98
CA GLN C 16 -5.16 -13.52 -20.23
C GLN C 16 -4.64 -14.06 -18.89
N TYR C 17 -4.17 -15.30 -18.88
CA TYR C 17 -3.73 -15.95 -17.66
C TYR C 17 -2.90 -17.15 -18.03
N ILE C 18 -2.08 -17.59 -17.08
CA ILE C 18 -1.11 -18.66 -17.29
C ILE C 18 -1.88 -19.94 -17.15
N ILE C 19 -1.59 -20.91 -18.01
CA ILE C 19 -2.14 -22.28 -17.91
C ILE C 19 -1.12 -23.25 -17.25
N SER C 20 0.11 -23.29 -17.74
CA SER C 20 1.07 -24.32 -17.31
C SER C 20 2.52 -23.88 -17.46
N GLU C 21 3.37 -24.30 -16.50
CA GLU C 21 4.82 -24.01 -16.49
C GLU C 21 5.65 -25.29 -16.66
N GLU C 22 5.99 -25.61 -17.93
CA GLU C 22 6.76 -26.81 -18.30
C GLU C 22 8.28 -26.57 -18.18
N LEU C 23 8.94 -27.35 -17.34
CA LEU C 23 10.39 -27.25 -17.13
C LEU C 23 11.14 -27.88 -18.31
N ILE C 24 12.13 -27.17 -18.85
CA ILE C 24 12.88 -27.65 -20.01
C ILE C 24 14.35 -27.91 -19.70
N SER C 25 14.93 -27.15 -18.77
CA SER C 25 16.34 -27.31 -18.37
C SER C 25 16.68 -26.44 -17.16
N GLU C 26 17.42 -26.99 -16.20
CA GLU C 26 17.68 -26.29 -14.94
C GLU C 26 19.12 -26.40 -14.48
N GLY C 27 19.84 -25.28 -14.46
CA GLY C 27 21.24 -25.21 -13.99
C GLY C 27 21.26 -24.84 -12.53
N LYS C 28 22.43 -24.52 -11.99
CA LYS C 28 22.54 -23.98 -10.61
C LYS C 28 21.90 -22.58 -10.42
N TRP C 29 21.98 -21.73 -11.44
CA TRP C 29 21.64 -20.29 -11.34
C TRP C 29 20.46 -19.85 -12.15
N VAL C 30 20.16 -20.57 -13.22
CA VAL C 30 19.09 -20.19 -14.16
C VAL C 30 18.34 -21.44 -14.66
N LYS C 31 17.07 -21.26 -15.03
CA LYS C 31 16.22 -22.33 -15.55
C LYS C 31 15.48 -21.83 -16.77
N LEU C 32 15.17 -22.73 -17.70
CA LEU C 32 14.41 -22.39 -18.92
C LEU C 32 13.02 -23.08 -18.81
N GLU C 33 11.95 -22.52 -19.42
CA GLU C 33 10.60 -23.10 -19.32
C GLU C 33 9.70 -22.85 -20.53
N LYS C 34 8.71 -23.72 -20.73
CA LYS C 34 7.64 -23.49 -21.73
C LYS C 34 6.41 -23.05 -20.94
N THR C 35 5.74 -22.01 -21.43
CA THR C 35 4.68 -21.34 -20.68
C THR C 35 3.43 -21.29 -21.53
N THR C 36 2.35 -21.95 -21.09
CA THR C 36 1.16 -22.01 -21.94
C THR C 36 0.14 -21.07 -21.34
N TYR C 37 -0.54 -20.31 -22.19
CA TYR C 37 -1.23 -19.12 -21.70
C TYR C 37 -2.47 -18.92 -22.58
N MET C 38 -3.57 -18.41 -22.02
CA MET C 38 -4.76 -18.12 -22.82
C MET C 38 -4.69 -16.70 -23.30
N ASP C 39 -4.82 -16.51 -24.60
CA ASP C 39 -4.83 -15.17 -25.17
C ASP C 39 -6.16 -14.51 -24.92
N PRO C 40 -6.25 -13.22 -25.27
CA PRO C 40 -7.49 -12.46 -24.99
C PRO C 40 -8.73 -12.92 -25.84
N THR C 41 -8.52 -13.33 -27.08
CA THR C 41 -9.61 -13.79 -27.95
C THR C 41 -10.19 -15.18 -27.57
N GLY C 42 -9.40 -15.99 -26.84
CA GLY C 42 -9.79 -17.35 -26.43
C GLY C 42 -8.79 -18.42 -26.88
N LYS C 43 -7.92 -18.07 -27.83
CA LYS C 43 -6.82 -18.92 -28.29
C LYS C 43 -5.73 -19.18 -27.21
N THR C 44 -5.62 -20.46 -26.86
CA THR C 44 -4.49 -21.06 -26.12
C THR C 44 -3.15 -20.90 -26.94
N ARG C 45 -2.08 -20.29 -26.36
CA ARG C 45 -0.81 -20.07 -27.08
C ARG C 45 0.34 -20.46 -26.19
N THR C 46 1.58 -20.27 -26.65
CA THR C 46 2.74 -20.73 -25.90
C THR C 46 3.97 -19.75 -26.06
N TRP C 47 4.95 -19.93 -25.18
CA TRP C 47 6.08 -18.97 -25.01
C TRP C 47 7.23 -19.67 -24.29
N GLU C 48 8.48 -19.31 -24.64
CA GLU C 48 9.71 -19.80 -23.94
C GLU C 48 10.18 -18.74 -22.88
N SER C 49 10.22 -19.15 -21.61
CA SER C 49 10.36 -18.20 -20.48
C SER C 49 11.60 -18.57 -19.67
N VAL C 50 12.28 -17.55 -19.15
CA VAL C 50 13.47 -17.77 -18.36
C VAL C 50 13.14 -17.20 -16.98
N LYS C 51 13.69 -17.82 -15.95
CA LYS C 51 13.48 -17.51 -14.56
C LYS C 51 14.79 -17.97 -13.85
N ARG C 52 15.32 -17.20 -12.89
CA ARG C 52 16.49 -17.64 -12.05
C ARG C 52 16.02 -18.65 -11.03
N THR C 53 16.97 -19.38 -10.44
CA THR C 53 16.69 -20.46 -9.49
C THR C 53 16.91 -20.09 -8.02
N THR C 54 17.31 -18.84 -7.79
CA THR C 54 17.90 -18.38 -6.52
C THR C 54 16.85 -17.69 -5.63
N ARG C 55 15.66 -17.37 -6.19
CA ARG C 55 14.65 -16.59 -5.47
C ARG C 55 13.96 -17.45 -4.38
N LYS C 56 13.95 -16.94 -3.14
CA LYS C 56 13.20 -17.51 -2.00
C LYS C 56 11.91 -16.72 -1.74
N GLN C 58 11.41 -13.41 -1.05
CA GLN C 58 12.19 -12.34 -1.65
C GLN C 58 11.24 -11.48 -2.49
N THR C 59 11.23 -10.17 -2.23
CA THR C 59 10.39 -9.21 -2.99
C THR C 59 10.78 -9.09 -4.47
N ALA C 60 12.02 -9.44 -4.77
CA ALA C 60 12.50 -9.44 -6.11
C ALA C 60 13.76 -10.26 -6.16
N ASP C 61 14.24 -10.52 -7.37
CA ASP C 61 15.51 -11.22 -7.48
C ASP C 61 16.63 -10.32 -6.93
N GLY C 62 16.65 -9.05 -7.34
CA GLY C 62 17.87 -8.27 -7.01
C GLY C 62 17.57 -6.85 -6.66
N VAL C 63 18.64 -6.08 -6.40
CA VAL C 63 18.50 -4.63 -6.37
C VAL C 63 19.51 -3.97 -7.33
N ALA C 64 19.15 -2.80 -7.83
CA ALA C 64 20.08 -1.95 -8.55
C ALA C 64 20.06 -0.62 -7.82
N VAL C 65 21.21 0.03 -7.74
CA VAL C 65 21.36 1.14 -6.82
C VAL C 65 21.69 2.29 -7.71
N ILE C 66 20.93 3.38 -7.57
CA ILE C 66 21.23 4.66 -8.23
C ILE C 66 21.96 5.53 -7.18
N PRO C 67 23.32 5.59 -7.25
CA PRO C 67 24.05 6.16 -6.16
C PRO C 67 24.46 7.59 -6.55
N VAL C 68 23.85 8.53 -5.91
CA VAL C 68 24.07 9.93 -6.21
C VAL C 68 25.11 10.46 -5.20
N LEU C 69 26.25 10.77 -5.73
CA LEU C 69 27.38 11.29 -4.99
C LEU C 69 27.26 12.77 -4.87
N GLN C 70 27.05 13.24 -3.65
CA GLN C 70 26.74 14.63 -3.32
C GLN C 70 27.91 15.25 -2.56
N ARG C 71 28.32 16.44 -2.98
CA ARG C 71 29.49 17.09 -2.38
C ARG C 71 29.25 18.59 -2.38
N THR C 72 29.70 19.27 -1.35
CA THR C 72 29.45 20.71 -1.16
C THR C 72 29.83 21.52 -2.38
N LEU C 73 30.96 21.16 -2.96
CA LEU C 73 31.63 22.03 -3.97
C LEU C 73 31.31 21.67 -5.40
N HIS C 74 30.53 20.60 -5.61
CA HIS C 74 30.40 20.05 -6.90
C HIS C 74 28.95 19.74 -7.28
N TYR C 75 28.74 19.66 -8.56
CA TYR C 75 27.50 19.03 -9.09
C TYR C 75 27.53 17.56 -8.74
N GLU C 76 26.35 16.96 -8.72
CA GLU C 76 26.22 15.54 -8.31
C GLU C 76 26.80 14.66 -9.37
N CYS C 77 27.32 13.51 -8.92
CA CYS C 77 27.72 12.50 -9.82
C CYS C 77 26.88 11.26 -9.60
N ILE C 78 26.86 10.46 -10.63
CA ILE C 78 26.18 9.13 -10.60
C ILE C 78 27.33 8.12 -10.57
N VAL C 79 27.33 7.26 -9.55
CA VAL C 79 28.42 6.24 -9.37
C VAL C 79 28.00 4.98 -10.14
N LEU C 80 28.81 4.53 -11.09
CA LEU C 80 28.48 3.32 -11.91
C LEU C 80 29.65 2.33 -11.73
N VAL C 81 29.41 1.10 -12.14
CA VAL C 81 30.48 0.11 -12.12
C VAL C 81 30.67 -0.47 -13.49
N LYS C 82 31.92 -0.88 -13.76
CA LYS C 82 32.26 -1.53 -14.96
C LYS C 82 32.88 -2.91 -14.59
N GLN C 83 32.39 -3.91 -15.29
CA GLN C 83 32.77 -5.27 -15.02
C GLN C 83 32.59 -6.11 -16.24
N PHE C 84 33.38 -7.19 -16.29
CA PHE C 84 33.24 -8.15 -17.33
C PHE C 84 32.00 -9.01 -16.99
N ARG C 85 31.19 -9.21 -18.00
CA ARG C 85 29.92 -9.97 -17.92
C ARG C 85 30.00 -11.11 -18.94
N PRO C 86 30.15 -12.36 -18.43
CA PRO C 86 30.25 -13.54 -19.35
C PRO C 86 29.18 -13.69 -20.39
N PRO C 87 27.87 -13.48 -20.02
CA PRO C 87 26.87 -13.62 -21.06
C PRO C 87 27.06 -12.65 -22.23
N MET C 88 27.60 -11.47 -21.94
CA MET C 88 27.86 -10.45 -22.96
C MET C 88 29.20 -10.67 -23.66
N GLY C 89 30.10 -11.41 -23.06
CA GLY C 89 31.47 -11.58 -23.63
C GLY C 89 32.27 -10.29 -23.68
N GLY C 90 31.96 -9.36 -22.78
CA GLY C 90 32.65 -8.09 -22.74
C GLY C 90 32.29 -7.31 -21.49
N TYR C 91 32.73 -6.07 -21.48
CA TYR C 91 32.63 -5.23 -20.29
C TYR C 91 31.39 -4.41 -20.42
N CYS C 92 30.75 -4.18 -19.26
CA CYS C 92 29.49 -3.45 -19.22
C CYS C 92 29.50 -2.39 -18.16
N ILE C 93 28.76 -1.29 -18.41
CA ILE C 93 28.70 -0.21 -17.48
C ILE C 93 27.27 -0.22 -16.87
N GLU C 94 27.19 -0.29 -15.58
CA GLU C 94 25.88 -0.59 -14.89
C GLU C 94 25.79 0.18 -13.61
N PHE C 95 24.56 0.24 -13.08
CA PHE C 95 24.36 0.56 -11.69
C PHE C 95 24.97 -0.55 -10.80
N PRO C 96 25.61 -0.18 -9.69
CA PRO C 96 25.91 -1.22 -8.63
C PRO C 96 24.62 -2.07 -8.38
N ALA C 97 24.81 -3.37 -8.30
CA ALA C 97 23.72 -4.26 -8.21
C ALA C 97 24.15 -5.62 -7.68
N GLY C 98 23.20 -6.33 -7.01
CA GLY C 98 23.35 -7.73 -6.81
C GLY C 98 22.11 -8.37 -6.19
N LEU C 99 22.13 -9.65 -6.04
CA LEU C 99 20.93 -10.36 -5.58
C LEU C 99 20.67 -10.06 -4.09
N ILE C 100 19.39 -10.00 -3.72
CA ILE C 100 19.03 -9.86 -2.29
C ILE C 100 19.26 -11.17 -1.48
N ASP C 101 20.09 -11.14 -0.44
CA ASP C 101 20.35 -12.28 0.47
C ASP C 101 19.11 -12.74 1.20
N ASP C 102 19.16 -13.97 1.72
CA ASP C 102 18.09 -14.54 2.53
C ASP C 102 17.90 -13.76 3.84
N GLY C 103 16.69 -13.28 4.06
CA GLY C 103 16.36 -12.49 5.26
C GLY C 103 16.49 -10.97 5.02
N GLU C 104 17.06 -10.58 3.88
CA GLU C 104 17.52 -9.19 3.67
C GLU C 104 16.44 -8.33 3.11
N THR C 105 16.26 -7.15 3.67
CA THR C 105 15.48 -6.15 3.00
C THR C 105 16.17 -5.68 1.67
N PRO C 106 15.38 -5.17 0.71
CA PRO C 106 16.02 -4.56 -0.47
C PRO C 106 16.91 -3.37 -0.08
N GLU C 107 16.47 -2.57 0.92
CA GLU C 107 17.26 -1.41 1.31
C GLU C 107 18.63 -1.78 1.87
N ALA C 108 18.73 -2.88 2.62
CA ALA C 108 19.97 -3.31 3.24
C ALA C 108 20.86 -3.94 2.13
N ALA C 109 20.24 -4.70 1.24
CA ALA C 109 20.93 -5.26 0.10
C ALA C 109 21.60 -4.11 -0.71
N ALA C 110 20.86 -3.03 -0.89
CA ALA C 110 21.33 -1.89 -1.68
C ALA C 110 22.58 -1.26 -1.03
N LEU C 111 22.52 -1.01 0.28
CA LEU C 111 23.68 -0.39 0.99
C LEU C 111 24.84 -1.35 1.06
N ARG C 112 24.53 -2.64 1.30
CA ARG C 112 25.57 -3.67 1.27
C ARG C 112 26.25 -3.73 -0.13
N GLU C 113 25.49 -3.93 -1.18
CA GLU C 113 26.04 -4.10 -2.55
C GLU C 113 26.76 -2.79 -3.01
N LEU C 114 26.18 -1.63 -2.67
CA LEU C 114 26.91 -0.35 -2.92
C LEU C 114 28.28 -0.33 -2.24
N GLU C 115 28.32 -0.64 -0.94
CA GLU C 115 29.60 -0.59 -0.22
C GLU C 115 30.59 -1.61 -0.78
N GLU C 116 30.13 -2.81 -1.11
CA GLU C 116 31.02 -3.88 -1.61
C GLU C 116 31.64 -3.52 -2.98
N GLU C 117 30.85 -2.91 -3.82
CA GLU C 117 31.18 -2.74 -5.23
C GLU C 117 31.91 -1.42 -5.48
N THR C 118 31.67 -0.47 -4.62
CA THR C 118 32.25 0.86 -4.78
C THR C 118 33.06 1.40 -3.61
N GLY C 119 32.83 0.85 -2.39
CA GLY C 119 33.37 1.36 -1.16
C GLY C 119 32.63 2.52 -0.54
N TYR C 120 31.65 3.13 -1.23
CA TYR C 120 30.89 4.19 -0.62
C TYR C 120 29.89 3.72 0.46
N LYS C 121 29.78 4.50 1.50
CA LYS C 121 28.74 4.35 2.47
C LYS C 121 27.63 5.38 2.20
N GLY C 122 26.44 4.90 1.90
CA GLY C 122 25.30 5.73 1.50
C GLY C 122 24.16 5.66 2.48
N ASP C 123 23.14 6.44 2.14
CA ASP C 123 21.90 6.61 2.90
C ASP C 123 20.74 6.35 1.90
N ILE C 124 19.76 5.55 2.31
CA ILE C 124 18.62 5.33 1.44
C ILE C 124 17.81 6.61 1.20
N ALA C 125 17.51 6.90 -0.07
CA ALA C 125 16.58 7.95 -0.39
C ALA C 125 15.17 7.43 -0.73
N GLU C 126 15.09 6.40 -1.54
CA GLU C 126 13.80 5.93 -2.11
C GLU C 126 14.03 4.48 -2.56
N CYS C 127 12.94 3.69 -2.61
CA CYS C 127 13.04 2.30 -3.03
C CYS C 127 11.80 2.01 -3.91
N SER C 128 12.02 1.64 -5.17
CA SER C 128 10.94 1.38 -6.12
C SER C 128 10.19 0.11 -5.71
N PRO C 129 9.00 -0.08 -6.28
CA PRO C 129 8.39 -1.42 -6.22
C PRO C 129 9.22 -2.40 -7.11
N ALA C 130 9.00 -3.72 -6.99
CA ALA C 130 9.60 -4.70 -7.91
C ALA C 130 9.25 -4.42 -9.39
N VAL C 131 10.32 -4.21 -10.22
CA VAL C 131 10.22 -3.77 -11.62
C VAL C 131 10.90 -4.84 -12.46
N CYS C 132 10.29 -5.11 -13.63
CA CYS C 132 10.70 -6.23 -14.51
C CYS C 132 11.98 -5.79 -15.32
N MET C 133 12.88 -6.71 -15.51
CA MET C 133 14.10 -6.46 -16.36
C MET C 133 13.93 -6.64 -17.87
N ASP C 134 13.25 -7.71 -18.24
CA ASP C 134 13.09 -8.02 -19.66
C ASP C 134 11.88 -8.97 -19.72
N PRO C 135 10.66 -8.37 -19.61
CA PRO C 135 9.48 -9.17 -19.35
C PRO C 135 8.99 -10.04 -20.54
N GLY C 136 9.41 -9.72 -21.77
CA GLY C 136 9.28 -10.64 -22.95
C GLY C 136 10.14 -11.93 -22.88
N LEU C 137 11.05 -11.98 -21.95
CA LEU C 137 12.02 -13.04 -21.85
C LEU C 137 12.10 -13.71 -20.54
N SER C 138 12.04 -12.95 -19.45
CA SER C 138 12.26 -13.56 -18.17
C SER C 138 11.31 -12.91 -17.22
N ASN C 139 11.17 -13.55 -16.08
CA ASN C 139 10.41 -12.97 -14.94
C ASN C 139 11.27 -12.17 -13.96
N CYS C 140 12.56 -12.03 -14.24
CA CYS C 140 13.49 -11.36 -13.32
C CYS C 140 13.03 -9.96 -12.93
N THR C 141 13.14 -9.68 -11.62
CA THR C 141 12.73 -8.41 -11.03
C THR C 141 13.87 -7.90 -10.11
N ILE C 142 13.84 -6.58 -9.95
CA ILE C 142 14.64 -5.87 -8.97
C ILE C 142 13.86 -4.75 -8.32
N HIS C 143 14.41 -4.21 -7.21
CA HIS C 143 14.03 -2.90 -6.73
C HIS C 143 15.20 -1.97 -7.17
N ILE C 144 14.84 -0.84 -7.71
CA ILE C 144 15.73 0.28 -7.99
C ILE C 144 15.67 1.13 -6.72
N VAL C 145 16.83 1.23 -6.05
CA VAL C 145 16.95 1.93 -4.84
C VAL C 145 17.93 3.13 -5.07
N THR C 146 17.38 4.30 -4.84
CA THR C 146 18.13 5.54 -4.95
C THR C 146 18.82 5.73 -3.64
N VAL C 147 20.16 5.99 -3.68
CA VAL C 147 20.93 6.09 -2.46
C VAL C 147 21.78 7.33 -2.55
N THR C 148 21.81 8.15 -1.52
CA THR C 148 22.65 9.40 -1.56
C THR C 148 23.94 9.04 -0.90
N ILE C 149 25.06 9.60 -1.39
CA ILE C 149 26.33 9.35 -0.75
C ILE C 149 26.89 10.74 -0.40
N ASN C 150 27.18 10.98 0.87
CA ASN C 150 27.85 12.23 1.35
C ASN C 150 29.33 12.11 1.06
N GLY C 151 29.69 12.61 -0.10
CA GLY C 151 31.07 12.62 -0.58
C GLY C 151 32.05 13.43 0.22
N ASP C 152 31.58 14.31 1.05
CA ASP C 152 32.42 15.16 1.90
C ASP C 152 32.66 14.57 3.32
N ASP C 153 31.93 13.52 3.67
CA ASP C 153 32.08 12.92 4.97
C ASP C 153 33.40 12.19 4.93
N ALA C 154 34.13 12.37 6.04
CA ALA C 154 35.44 11.83 6.17
C ALA C 154 35.38 10.30 5.98
N GLU C 155 34.29 9.67 6.46
CA GLU C 155 34.12 8.23 6.22
C GLU C 155 34.10 7.84 4.73
N ASN C 156 33.76 8.75 3.79
CA ASN C 156 33.83 8.46 2.36
C ASN C 156 35.07 9.07 1.66
N ALA C 157 36.10 9.42 2.42
CA ALA C 157 37.26 10.08 1.81
C ALA C 157 38.03 9.24 0.78
N ARG C 158 38.20 7.96 1.03
CA ARG C 158 38.97 7.13 0.14
C ARG C 158 38.21 5.82 0.07
N PRO C 159 37.11 5.80 -0.69
CA PRO C 159 36.36 4.57 -0.78
C PRO C 159 37.14 3.40 -1.43
N LYS C 160 37.01 2.20 -0.87
CA LYS C 160 37.67 1.00 -1.42
C LYS C 160 36.66 -0.12 -1.57
N PRO C 161 36.42 -0.55 -2.81
CA PRO C 161 35.57 -1.70 -2.99
C PRO C 161 36.09 -2.86 -2.15
N LYS C 162 35.22 -3.63 -1.52
CA LYS C 162 35.63 -4.92 -0.93
C LYS C 162 34.80 -5.96 -1.66
N PRO C 163 35.23 -6.39 -2.87
CA PRO C 163 34.32 -7.24 -3.64
C PRO C 163 34.56 -8.71 -3.27
N GLY C 164 33.55 -9.54 -3.50
CA GLY C 164 33.65 -10.97 -3.22
C GLY C 164 34.62 -11.68 -4.16
N ASP C 165 35.05 -12.87 -3.75
CA ASP C 165 35.70 -13.86 -4.62
C ASP C 165 35.07 -13.91 -6.01
N GLY C 166 35.88 -13.70 -7.05
CA GLY C 166 35.31 -13.67 -8.39
C GLY C 166 34.64 -12.37 -8.85
N GLU C 167 34.38 -11.41 -7.96
CA GLU C 167 33.93 -10.07 -8.37
C GLU C 167 35.14 -9.18 -8.64
N PHE C 168 35.13 -8.52 -9.80
CA PHE C 168 36.21 -7.63 -10.28
C PHE C 168 35.53 -6.39 -10.86
N VAL C 169 35.62 -5.28 -10.13
CA VAL C 169 34.75 -4.12 -10.36
C VAL C 169 35.57 -2.88 -10.37
N GLU C 170 35.33 -2.03 -11.37
CA GLU C 170 35.96 -0.71 -11.49
C GLU C 170 34.86 0.30 -11.33
N VAL C 171 35.15 1.35 -10.57
CA VAL C 171 34.18 2.37 -10.23
C VAL C 171 34.41 3.52 -11.20
N ILE C 172 33.30 4.01 -11.78
CA ILE C 172 33.30 5.19 -12.67
C ILE C 172 32.17 6.14 -12.18
N SER C 173 32.55 7.37 -11.80
CA SER C 173 31.59 8.40 -11.37
C SER C 173 31.49 9.47 -12.44
N LEU C 174 30.25 9.72 -12.92
CA LEU C 174 30.02 10.64 -14.04
C LEU C 174 29.04 11.71 -13.61
N PRO C 175 29.24 12.97 -14.02
CA PRO C 175 28.34 14.05 -13.52
C PRO C 175 26.93 13.83 -14.00
N LYS C 176 25.96 13.95 -13.09
CA LYS C 176 24.57 13.73 -13.40
C LYS C 176 24.06 14.66 -14.55
N ASN C 177 24.52 15.90 -14.49
CA ASN C 177 24.16 16.93 -15.52
C ASN C 177 24.77 16.75 -16.90
N ASP C 178 25.61 15.74 -17.07
CA ASP C 178 26.18 15.42 -18.39
C ASP C 178 26.24 13.91 -18.66
N LEU C 179 25.31 13.15 -18.10
CA LEU C 179 25.50 11.69 -18.04
C LEU C 179 25.58 11.01 -19.37
N LEU C 180 24.63 11.31 -20.26
CA LEU C 180 24.48 10.66 -21.51
C LEU C 180 25.69 10.93 -22.41
N GLN C 181 26.12 12.20 -22.47
CA GLN C 181 27.32 12.56 -23.29
C GLN C 181 28.59 11.84 -22.77
N ARG C 182 28.70 11.78 -21.48
CA ARG C 182 29.80 11.07 -20.86
C ARG C 182 29.79 9.59 -21.05
N LEU C 183 28.61 8.95 -20.98
CA LEU C 183 28.47 7.54 -21.35
C LEU C 183 28.83 7.33 -22.82
N ASP C 184 28.27 8.16 -23.68
CA ASP C 184 28.59 8.16 -25.12
C ASP C 184 30.09 8.18 -25.34
N ALA C 185 30.83 9.01 -24.60
CA ALA C 185 32.29 9.13 -24.80
C ALA C 185 33.07 7.94 -24.23
N LEU C 186 32.59 7.24 -23.19
CA LEU C 186 33.24 5.99 -22.76
C LEU C 186 33.14 4.88 -23.78
N VAL C 187 31.97 4.80 -24.35
CA VAL C 187 31.57 3.89 -25.41
C VAL C 187 32.40 4.12 -26.71
N ALA C 188 32.84 5.35 -26.97
CA ALA C 188 33.65 5.67 -28.17
C ALA C 188 35.11 5.30 -27.97
N GLU C 189 35.61 5.43 -26.75
CA GLU C 189 37.01 5.13 -26.44
C GLU C 189 37.32 3.60 -26.38
N GLU C 190 36.31 2.75 -26.09
CA GLU C 190 36.50 1.29 -25.89
C GLU C 190 35.25 0.49 -26.26
N HIS C 191 35.43 -0.81 -26.50
CA HIS C 191 34.33 -1.75 -26.59
C HIS C 191 33.75 -2.02 -25.18
N LEU C 192 32.69 -1.31 -24.88
CA LEU C 192 31.92 -1.64 -23.73
C LEU C 192 30.47 -1.33 -24.00
N THR C 193 29.61 -1.93 -23.18
CA THR C 193 28.15 -1.83 -23.43
C THR C 193 27.53 -1.14 -22.22
N VAL C 194 26.65 -0.15 -22.43
CA VAL C 194 26.00 0.51 -21.32
C VAL C 194 24.71 -0.29 -21.02
N ASP C 195 24.40 -0.47 -19.76
CA ASP C 195 23.15 -1.11 -19.36
C ASP C 195 21.92 -0.29 -19.75
N ALA C 196 20.84 -0.98 -20.12
CA ALA C 196 19.64 -0.24 -20.60
C ALA C 196 18.97 0.64 -19.52
N ARG C 197 19.05 0.22 -18.28
CA ARG C 197 18.46 1.07 -17.21
C ARG C 197 19.30 2.34 -17.00
N VAL C 198 20.61 2.18 -17.04
CA VAL C 198 21.50 3.32 -17.02
C VAL C 198 21.19 4.31 -18.17
N TYR C 199 21.11 3.82 -19.38
CA TYR C 199 20.88 4.67 -20.53
C TYR C 199 19.51 5.37 -20.49
N SER C 200 18.49 4.65 -20.01
CA SER C 200 17.13 5.18 -19.86
C SER C 200 17.15 6.30 -18.89
N TYR C 201 17.88 6.10 -17.79
CA TYR C 201 18.06 7.13 -16.76
C TYR C 201 18.77 8.36 -17.37
N ALA C 202 19.89 8.12 -18.08
CA ALA C 202 20.61 9.23 -18.74
C ALA C 202 19.72 10.02 -19.72
N LEU C 203 18.93 9.31 -20.48
CA LEU C 203 18.08 9.97 -21.50
C LEU C 203 17.06 10.91 -20.82
N ALA C 204 16.43 10.40 -19.79
CA ALA C 204 15.44 11.24 -19.01
C ALA C 204 16.10 12.45 -18.39
N LEU C 205 17.35 12.31 -17.87
CA LEU C 205 18.01 13.49 -17.35
C LEU C 205 18.14 14.55 -18.47
N LYS C 206 18.52 14.14 -19.66
CA LYS C 206 18.65 15.04 -20.84
C LYS C 206 17.25 15.62 -21.22
N HIS C 207 16.25 14.78 -21.22
CA HIS C 207 14.87 15.17 -21.67
C HIS C 207 14.07 16.01 -20.70
N ALA C 208 14.39 15.92 -19.40
CA ALA C 208 13.62 16.70 -18.46
C ALA C 208 13.73 18.20 -18.77
N LYS D 15 41.99 -7.91 -20.74
CA LYS D 15 42.23 -8.38 -19.33
C LYS D 15 41.47 -9.67 -19.05
N GLN D 16 40.11 -9.68 -19.03
CA GLN D 16 39.29 -10.93 -19.04
C GLN D 16 38.78 -11.34 -20.41
N TYR D 17 38.44 -12.63 -20.61
CA TYR D 17 37.91 -13.10 -21.90
C TYR D 17 37.17 -14.40 -21.87
N ILE D 18 36.36 -14.63 -22.91
CA ILE D 18 35.60 -15.86 -23.14
C ILE D 18 36.62 -16.92 -23.60
N ILE D 19 36.71 -18.02 -22.86
CA ILE D 19 37.49 -19.25 -23.27
C ILE D 19 36.60 -20.12 -24.17
N SER D 20 35.38 -20.42 -23.72
CA SER D 20 34.42 -21.24 -24.48
C SER D 20 32.95 -21.12 -24.12
N GLU D 21 32.11 -21.54 -25.04
CA GLU D 21 30.66 -21.47 -24.91
C GLU D 21 29.97 -22.81 -25.29
N GLU D 22 29.47 -23.52 -24.28
CA GLU D 22 28.91 -24.88 -24.42
C GLU D 22 27.38 -24.78 -24.45
N LEU D 23 26.73 -25.20 -25.55
CA LEU D 23 25.26 -25.20 -25.66
C LEU D 23 24.68 -26.19 -24.67
N ILE D 24 23.90 -25.72 -23.71
CA ILE D 24 23.24 -26.62 -22.74
C ILE D 24 21.83 -26.93 -23.21
N SER D 25 21.10 -25.97 -23.77
CA SER D 25 19.69 -26.19 -24.19
C SER D 25 19.19 -25.10 -25.17
N GLU D 26 18.48 -25.52 -26.22
CA GLU D 26 18.09 -24.67 -27.33
C GLU D 26 16.56 -24.82 -27.48
N GLY D 27 15.96 -24.23 -28.51
CA GLY D 27 14.49 -23.98 -28.50
C GLY D 27 14.17 -22.94 -29.55
N LYS D 28 12.89 -22.67 -29.79
CA LYS D 28 12.51 -21.78 -30.93
C LYS D 28 12.96 -20.31 -30.85
N TRP D 29 13.01 -19.74 -29.65
CA TRP D 29 13.30 -18.30 -29.46
C TRP D 29 14.45 -18.01 -28.48
N VAL D 30 14.81 -19.00 -27.66
CA VAL D 30 15.71 -18.79 -26.53
C VAL D 30 16.58 -20.01 -26.27
N LYS D 31 17.81 -19.79 -25.80
CA LYS D 31 18.78 -20.91 -25.46
C LYS D 31 19.72 -20.62 -24.25
N LEU D 32 20.26 -21.69 -23.65
CA LEU D 32 21.07 -21.67 -22.44
C LEU D 32 22.47 -22.24 -22.71
N GLU D 33 23.48 -21.77 -21.97
CA GLU D 33 24.88 -22.11 -22.23
C GLU D 33 25.69 -22.03 -20.98
N LYS D 34 26.65 -22.95 -20.81
CA LYS D 34 27.75 -22.76 -19.87
C LYS D 34 28.86 -22.01 -20.61
N THR D 35 29.21 -20.86 -20.05
CA THR D 35 30.23 -19.99 -20.58
C THR D 35 31.45 -20.20 -19.74
N THR D 36 32.61 -20.46 -20.35
CA THR D 36 33.88 -20.49 -19.59
C THR D 36 34.72 -19.23 -19.86
N TYR D 37 35.36 -18.67 -18.82
CA TYR D 37 36.14 -17.44 -19.00
C TYR D 37 37.29 -17.33 -18.06
N MET D 38 38.23 -16.47 -18.43
CA MET D 38 39.37 -16.16 -17.63
C MET D 38 39.12 -14.89 -16.86
N ASP D 39 39.20 -14.95 -15.53
CA ASP D 39 39.21 -13.77 -14.68
C ASP D 39 40.54 -13.03 -14.72
N PRO D 40 40.63 -11.86 -14.11
CA PRO D 40 41.94 -11.16 -14.16
C PRO D 40 43.07 -11.80 -13.31
N THR D 41 42.71 -12.49 -12.22
CA THR D 41 43.70 -13.24 -11.39
C THR D 41 44.44 -14.25 -12.28
N GLY D 42 43.75 -14.78 -13.30
CA GLY D 42 44.26 -15.82 -14.20
C GLY D 42 43.52 -17.16 -14.10
N LYS D 43 42.48 -17.23 -13.27
CA LYS D 43 41.68 -18.44 -13.05
C LYS D 43 40.53 -18.58 -14.07
N THR D 44 40.30 -19.80 -14.50
CA THR D 44 39.18 -20.14 -15.37
C THR D 44 37.94 -20.19 -14.48
N ARG D 45 36.80 -19.65 -14.94
CA ARG D 45 35.53 -19.78 -14.20
C ARG D 45 34.39 -20.05 -15.16
N THR D 46 33.21 -20.41 -14.65
CA THR D 46 32.06 -20.62 -15.53
C THR D 46 30.89 -19.75 -15.18
N TRP D 47 29.90 -19.71 -16.08
CA TRP D 47 28.72 -18.88 -15.98
C TRP D 47 27.56 -19.47 -16.77
N GLU D 48 26.35 -19.52 -16.22
CA GLU D 48 25.17 -19.89 -17.01
C GLU D 48 24.56 -18.66 -17.64
N SER D 49 24.55 -18.63 -18.96
CA SER D 49 24.15 -17.47 -19.76
C SER D 49 23.02 -17.86 -20.67
N VAL D 50 22.21 -16.89 -21.04
CA VAL D 50 21.04 -17.06 -21.87
C VAL D 50 21.17 -16.18 -23.12
N LYS D 51 20.75 -16.68 -24.29
CA LYS D 51 20.76 -15.93 -25.54
C LYS D 51 19.49 -16.21 -26.35
N ARG D 52 19.05 -15.24 -27.13
CA ARG D 52 17.94 -15.45 -28.06
C ARG D 52 18.53 -16.07 -29.35
N THR D 53 17.70 -16.83 -30.08
CA THR D 53 18.12 -17.58 -31.26
C THR D 53 17.92 -16.78 -32.52
N THR D 54 17.26 -15.62 -32.42
CA THR D 54 16.75 -14.89 -33.60
C THR D 54 17.67 -13.72 -34.01
N ALA D 60 21.55 -5.30 -32.79
CA ALA D 60 20.85 -5.60 -31.53
C ALA D 60 19.65 -6.57 -31.73
N ASP D 61 19.08 -7.13 -30.66
CA ASP D 61 17.89 -7.99 -30.78
C ASP D 61 16.58 -7.24 -31.08
N GLY D 62 16.37 -6.13 -30.35
CA GLY D 62 15.19 -5.27 -30.52
C GLY D 62 15.42 -3.76 -30.37
N VAL D 63 14.28 -3.06 -30.37
CA VAL D 63 14.19 -1.64 -30.14
C VAL D 63 13.23 -1.48 -28.96
N ALA D 64 13.39 -0.37 -28.24
CA ALA D 64 12.34 0.09 -27.29
C ALA D 64 12.20 1.48 -27.66
N VAL D 65 10.97 2.00 -27.68
CA VAL D 65 10.71 3.33 -28.11
C VAL D 65 10.24 4.15 -26.90
N ILE D 66 10.84 5.34 -26.78
CA ILE D 66 10.41 6.44 -25.91
C ILE D 66 9.63 7.48 -26.74
N PRO D 67 8.29 7.33 -26.80
CA PRO D 67 7.50 8.25 -27.63
C PRO D 67 6.94 9.47 -26.85
N VAL D 68 7.39 10.67 -27.23
CA VAL D 68 7.00 11.90 -26.60
C VAL D 68 5.89 12.57 -27.45
N LEU D 69 4.64 12.50 -27.03
CA LEU D 69 3.48 13.17 -27.75
C LEU D 69 3.45 14.71 -27.49
N GLN D 70 3.66 15.52 -28.51
CA GLN D 70 3.80 16.99 -28.35
C GLN D 70 2.67 17.72 -29.07
N ARG D 71 1.95 18.60 -28.37
CA ARG D 71 0.93 19.50 -28.97
C ARG D 71 1.22 20.94 -28.54
N THR D 72 1.20 21.92 -29.46
CA THR D 72 1.49 23.32 -29.06
C THR D 72 0.46 23.72 -27.99
N LEU D 73 0.85 24.52 -27.01
CA LEU D 73 -0.07 24.91 -25.92
C LEU D 73 -0.53 23.77 -24.98
N HIS D 74 0.16 22.62 -25.01
CA HIS D 74 -0.22 21.54 -24.09
C HIS D 74 1.08 20.94 -23.50
N TYR D 75 0.93 20.18 -22.42
CA TYR D 75 2.03 19.42 -21.74
C TYR D 75 2.42 18.33 -22.71
N GLU D 76 3.61 17.75 -22.51
CA GLU D 76 4.00 16.51 -23.23
C GLU D 76 3.53 15.28 -22.48
N CYS D 77 3.30 14.19 -23.21
CA CYS D 77 2.87 12.90 -22.66
C CYS D 77 3.81 11.81 -23.22
N ILE D 78 3.98 10.78 -22.42
CA ILE D 78 4.88 9.68 -22.77
C ILE D 78 3.93 8.53 -23.04
N VAL D 79 3.99 8.00 -24.26
CA VAL D 79 3.04 6.99 -24.69
C VAL D 79 3.61 5.63 -24.27
N LEU D 80 2.94 4.93 -23.39
CA LEU D 80 3.40 3.61 -22.95
C LEU D 80 2.42 2.62 -23.44
N VAL D 81 2.72 1.32 -23.26
CA VAL D 81 1.83 0.23 -23.65
C VAL D 81 1.74 -0.79 -22.60
N LYS D 82 0.56 -1.39 -22.40
CA LYS D 82 0.40 -2.52 -21.45
C LYS D 82 0.00 -3.68 -22.25
N GLN D 83 0.48 -4.83 -21.81
CA GLN D 83 0.16 -6.07 -22.47
C GLN D 83 0.59 -7.15 -21.53
N PHE D 84 0.12 -8.36 -21.75
CA PHE D 84 0.39 -9.54 -20.89
C PHE D 84 1.69 -10.17 -21.36
N ARG D 85 2.57 -10.51 -20.41
CA ARG D 85 3.91 -11.03 -20.68
C ARG D 85 3.97 -12.39 -20.03
N PRO D 86 3.94 -13.48 -20.83
CA PRO D 86 3.97 -14.84 -20.29
C PRO D 86 5.06 -15.15 -19.33
N PRO D 87 6.31 -14.66 -19.60
CA PRO D 87 7.29 -14.96 -18.58
C PRO D 87 6.96 -14.34 -17.16
N MET D 88 6.29 -13.19 -17.14
CA MET D 88 5.97 -12.50 -15.88
C MET D 88 4.64 -12.98 -15.27
N GLY D 89 3.86 -13.77 -16.02
CA GLY D 89 2.55 -14.13 -15.50
C GLY D 89 1.61 -12.96 -15.35
N GLY D 90 1.81 -11.83 -16.03
CA GLY D 90 0.88 -10.78 -15.74
C GLY D 90 1.15 -9.69 -16.68
N TYR D 91 0.44 -8.61 -16.48
CA TYR D 91 0.44 -7.51 -17.39
C TYR D 91 1.63 -6.53 -17.02
N CYS D 92 2.28 -5.92 -18.04
CA CYS D 92 3.41 -5.06 -17.85
C CYS D 92 3.20 -3.76 -18.58
N ILE D 93 3.70 -2.70 -17.98
CA ILE D 93 3.62 -1.37 -18.59
C ILE D 93 5.02 -1.13 -19.10
N GLU D 94 5.16 -0.99 -20.42
CA GLU D 94 6.47 -0.84 -21.04
C GLU D 94 6.47 0.22 -22.05
N PHE D 95 7.68 0.54 -22.48
CA PHE D 95 7.87 1.33 -23.62
C PHE D 95 7.46 0.38 -24.76
N PRO D 96 6.86 0.93 -25.79
CA PRO D 96 6.56 0.05 -26.96
C PRO D 96 7.89 -0.52 -27.46
N ALA D 97 7.90 -1.81 -27.75
CA ALA D 97 9.14 -2.47 -28.12
C ALA D 97 8.86 -3.51 -29.19
N GLY D 98 9.93 -4.04 -29.77
CA GLY D 98 9.82 -5.23 -30.62
C GLY D 98 11.17 -5.62 -31.17
N LEU D 99 11.27 -6.85 -31.67
CA LEU D 99 12.49 -7.29 -32.41
C LEU D 99 12.69 -6.55 -33.69
N ILE D 100 13.95 -6.38 -34.07
CA ILE D 100 14.32 -5.77 -35.33
C ILE D 100 14.24 -6.90 -36.37
N ASP D 101 13.66 -6.57 -37.53
CA ASP D 101 13.53 -7.51 -38.66
C ASP D 101 14.84 -7.55 -39.47
N ASP D 102 15.10 -8.65 -40.20
CA ASP D 102 16.34 -8.77 -41.00
C ASP D 102 16.46 -7.62 -42.02
N GLY D 103 17.58 -6.91 -42.00
CA GLY D 103 17.81 -5.80 -42.95
C GLY D 103 16.92 -4.59 -42.76
N GLU D 104 16.46 -4.40 -41.52
CA GLU D 104 15.68 -3.25 -41.11
C GLU D 104 16.57 -2.47 -40.14
N THR D 105 16.63 -1.16 -40.29
CA THR D 105 17.47 -0.34 -39.42
C THR D 105 16.77 -0.24 -38.03
N PRO D 106 17.53 0.08 -36.96
CA PRO D 106 16.82 0.38 -35.69
C PRO D 106 15.80 1.55 -35.76
N GLU D 107 16.16 2.66 -36.42
CA GLU D 107 15.22 3.81 -36.51
C GLU D 107 13.93 3.40 -37.19
N ALA D 108 14.01 2.85 -38.42
CA ALA D 108 12.81 2.39 -39.16
C ALA D 108 12.04 1.35 -38.35
N ALA D 109 12.74 0.45 -37.65
CA ALA D 109 11.95 -0.50 -36.79
C ALA D 109 11.26 0.17 -35.55
N ALA D 110 11.85 1.26 -35.05
CA ALA D 110 11.18 1.99 -33.95
C ALA D 110 9.87 2.58 -34.50
N LEU D 111 9.97 3.36 -35.59
CA LEU D 111 8.78 4.02 -36.17
C LEU D 111 7.72 3.00 -36.60
N ARG D 112 8.17 1.88 -37.14
CA ARG D 112 7.22 0.85 -37.57
C ARG D 112 6.54 0.29 -36.35
N GLU D 113 7.32 -0.14 -35.39
CA GLU D 113 6.74 -0.73 -34.14
C GLU D 113 5.93 0.32 -33.26
N LEU D 114 6.34 1.58 -33.21
CA LEU D 114 5.49 2.60 -32.54
C LEU D 114 4.14 2.72 -33.27
N GLU D 115 4.17 2.90 -34.60
CA GLU D 115 2.93 2.84 -35.43
C GLU D 115 2.10 1.55 -35.23
N GLU D 116 2.70 0.36 -35.25
CA GLU D 116 1.94 -0.87 -34.91
C GLU D 116 1.27 -0.91 -33.56
N GLU D 117 1.99 -0.55 -32.49
CA GLU D 117 1.51 -0.80 -31.12
C GLU D 117 0.67 0.37 -30.60
N THR D 118 0.87 1.55 -31.19
CA THR D 118 0.17 2.77 -30.79
C THR D 118 -0.70 3.46 -31.82
N GLY D 119 -0.36 3.35 -33.09
CA GLY D 119 -1.02 4.11 -34.15
C GLY D 119 -0.28 5.36 -34.52
N TYR D 120 0.60 5.90 -33.65
CA TYR D 120 1.16 7.22 -33.96
C TYR D 120 2.28 7.11 -35.00
N LYS D 121 2.56 8.22 -35.67
CA LYS D 121 3.56 8.37 -36.72
C LYS D 121 4.52 9.39 -36.18
N GLY D 122 5.73 8.90 -35.85
CA GLY D 122 6.75 9.61 -35.14
C GLY D 122 7.77 10.25 -36.05
N ASP D 123 8.63 11.04 -35.45
CA ASP D 123 9.78 11.66 -36.08
C ASP D 123 10.93 11.23 -35.20
N ILE D 124 12.03 10.75 -35.79
CA ILE D 124 13.11 10.25 -34.96
C ILE D 124 13.86 11.43 -34.37
N ALA D 125 14.00 11.45 -33.05
CA ALA D 125 14.79 12.45 -32.36
C ALA D 125 16.22 11.93 -32.13
N GLU D 126 16.37 10.70 -31.65
CA GLU D 126 17.73 10.12 -31.36
C GLU D 126 17.62 8.61 -31.21
N CYS D 127 18.76 7.94 -31.31
CA CYS D 127 18.80 6.47 -31.20
C CYS D 127 20.10 6.07 -30.50
N SER D 128 19.97 5.20 -29.50
CA SER D 128 21.12 4.78 -28.66
C SER D 128 21.93 3.74 -29.41
N PRO D 129 23.19 3.52 -28.99
CA PRO D 129 23.82 2.30 -29.47
C PRO D 129 23.17 1.10 -28.75
N ALA D 130 23.62 -0.11 -29.04
CA ALA D 130 23.04 -1.29 -28.45
C ALA D 130 23.35 -1.28 -26.96
N VAL D 131 22.30 -1.49 -26.14
CA VAL D 131 22.42 -1.38 -24.67
C VAL D 131 21.89 -2.73 -24.15
N CYS D 132 22.45 -3.21 -23.05
CA CYS D 132 22.24 -4.54 -22.56
C CYS D 132 21.03 -4.58 -21.59
N MET D 133 20.29 -5.65 -21.71
CA MET D 133 19.06 -5.83 -20.97
C MET D 133 19.24 -6.37 -19.54
N ASP D 134 20.07 -7.39 -19.33
CA ASP D 134 20.36 -7.96 -18.02
C ASP D 134 21.68 -8.73 -18.15
N PRO D 135 22.81 -7.99 -18.07
CA PRO D 135 24.03 -8.59 -18.61
C PRO D 135 24.58 -9.69 -17.76
N GLY D 136 24.21 -9.74 -16.47
CA GLY D 136 24.56 -10.86 -15.62
C GLY D 136 23.77 -12.15 -15.91
N LEU D 137 22.82 -12.08 -16.83
CA LEU D 137 21.99 -13.20 -17.22
C LEU D 137 22.02 -13.49 -18.71
N SER D 138 21.73 -12.52 -19.57
CA SER D 138 21.58 -12.76 -20.99
C SER D 138 22.48 -11.82 -21.81
N ASN D 139 22.61 -12.08 -23.11
CA ASN D 139 23.40 -11.22 -23.99
C ASN D 139 22.48 -10.26 -24.70
N CYS D 140 21.21 -10.17 -24.28
CA CYS D 140 20.25 -9.48 -25.09
C CYS D 140 20.50 -7.98 -24.98
N THR D 141 20.37 -7.36 -26.12
CA THR D 141 20.55 -5.92 -26.27
C THR D 141 19.39 -5.36 -27.05
N ILE D 142 19.18 -4.07 -26.87
CA ILE D 142 18.30 -3.27 -27.70
C ILE D 142 18.93 -1.91 -28.03
N HIS D 143 18.31 -1.20 -28.96
CA HIS D 143 18.53 0.21 -29.12
C HIS D 143 17.33 0.87 -28.46
N ILE D 144 17.62 1.91 -27.69
CA ILE D 144 16.55 2.81 -27.23
C ILE D 144 16.43 3.97 -28.19
N VAL D 145 15.22 4.14 -28.76
CA VAL D 145 14.99 5.15 -29.77
C VAL D 145 13.97 6.14 -29.25
N THR D 146 14.37 7.42 -29.19
CA THR D 146 13.50 8.52 -28.71
C THR D 146 12.80 9.10 -29.93
N VAL D 147 11.46 9.21 -29.87
CA VAL D 147 10.59 9.51 -31.04
C VAL D 147 9.53 10.56 -30.66
N THR D 148 9.50 11.69 -31.36
CA THR D 148 8.51 12.76 -31.01
C THR D 148 7.36 12.57 -31.95
N ILE D 149 6.15 12.83 -31.45
CA ILE D 149 4.93 12.62 -32.22
C ILE D 149 4.39 14.03 -32.38
N ASN D 150 3.91 14.38 -33.57
CA ASN D 150 3.43 15.74 -33.80
C ASN D 150 1.92 15.62 -33.66
N GLY D 151 1.42 15.84 -32.45
CA GLY D 151 -0.01 15.65 -32.14
C GLY D 151 -0.93 16.71 -32.73
N ASP D 152 -0.35 17.75 -33.31
CA ASP D 152 -1.09 18.72 -34.11
C ASP D 152 -1.13 18.38 -35.60
N ASP D 153 -1.04 17.10 -35.94
CA ASP D 153 -1.11 16.63 -37.33
C ASP D 153 -2.32 15.75 -37.29
N ALA D 154 -3.12 15.97 -38.35
CA ALA D 154 -4.34 15.22 -38.61
C ALA D 154 -4.09 13.70 -38.44
N GLU D 155 -3.03 13.19 -39.07
CA GLU D 155 -2.67 11.78 -39.03
C GLU D 155 -2.50 11.25 -37.61
N ASN D 156 -2.14 12.13 -36.67
CA ASN D 156 -2.04 11.80 -35.23
C ASN D 156 -3.19 12.33 -34.34
N ALA D 157 -4.37 12.56 -34.92
CA ALA D 157 -5.51 13.10 -34.18
C ALA D 157 -6.09 12.10 -33.17
N ARG D 158 -6.29 10.86 -33.61
CA ARG D 158 -6.86 9.82 -32.74
C ARG D 158 -6.61 8.44 -33.31
N PRO D 159 -5.38 8.20 -33.79
CA PRO D 159 -5.01 6.94 -34.43
C PRO D 159 -5.27 5.73 -33.54
N LYS D 160 -5.29 4.55 -34.16
CA LYS D 160 -5.48 3.29 -33.45
C LYS D 160 -4.46 2.26 -33.92
N PRO D 161 -4.20 1.24 -33.08
CA PRO D 161 -3.15 0.26 -33.31
C PRO D 161 -3.47 -0.75 -34.40
N LYS D 162 -2.44 -1.27 -35.06
CA LYS D 162 -2.59 -2.37 -36.01
C LYS D 162 -1.73 -3.57 -35.59
N PRO D 163 -2.19 -4.36 -34.61
CA PRO D 163 -1.40 -5.53 -34.18
C PRO D 163 -1.26 -6.68 -35.20
N GLY D 164 -0.18 -7.46 -35.04
CA GLY D 164 -0.06 -8.76 -35.70
C GLY D 164 -0.92 -9.77 -34.96
N ASP D 165 -0.81 -11.04 -35.36
CA ASP D 165 -1.57 -12.13 -34.73
C ASP D 165 -0.93 -12.37 -33.37
N GLY D 166 -1.74 -12.64 -32.36
CA GLY D 166 -1.24 -12.78 -30.99
C GLY D 166 -0.61 -11.55 -30.32
N GLU D 167 -0.85 -10.36 -30.87
CA GLU D 167 -0.35 -9.09 -30.28
C GLU D 167 -1.53 -8.28 -29.77
N PHE D 168 -1.66 -8.20 -28.44
CA PHE D 168 -2.77 -7.51 -27.76
C PHE D 168 -2.15 -6.48 -26.84
N VAL D 169 -2.26 -5.21 -27.23
CA VAL D 169 -1.58 -4.14 -26.51
C VAL D 169 -2.55 -3.00 -26.22
N GLU D 170 -2.63 -2.57 -24.94
CA GLU D 170 -3.31 -1.32 -24.56
C GLU D 170 -2.34 -0.13 -24.58
N VAL D 171 -2.71 0.98 -25.22
CA VAL D 171 -1.95 2.22 -25.18
C VAL D 171 -2.30 2.98 -23.89
N ILE D 172 -1.28 3.47 -23.14
CA ILE D 172 -1.47 4.26 -21.88
C ILE D 172 -0.60 5.51 -21.98
N SER D 173 -1.23 6.64 -22.31
CA SER D 173 -0.51 7.89 -22.47
C SER D 173 -0.50 8.63 -21.11
N LEU D 174 0.68 8.94 -20.58
CA LEU D 174 0.82 9.59 -19.26
C LEU D 174 1.54 10.87 -19.33
N PRO D 175 1.20 11.75 -18.39
CA PRO D 175 1.84 13.05 -18.48
C PRO D 175 3.28 12.80 -18.14
N LYS D 176 4.18 13.33 -18.95
CA LYS D 176 5.60 13.34 -18.65
C LYS D 176 5.91 13.97 -17.22
N ASN D 177 5.18 15.03 -16.89
CA ASN D 177 5.40 15.77 -15.65
C ASN D 177 5.11 15.06 -14.32
N ASP D 178 4.43 13.93 -14.34
CA ASP D 178 4.18 13.26 -13.15
C ASP D 178 4.23 11.81 -13.39
N LEU D 179 5.13 11.38 -14.29
CA LEU D 179 5.23 9.95 -14.61
C LEU D 179 5.44 9.01 -13.47
N LEU D 180 6.39 9.35 -12.61
CA LEU D 180 6.78 8.45 -11.60
C LEU D 180 5.59 8.15 -10.63
N GLN D 181 4.91 9.20 -10.21
CA GLN D 181 3.77 9.11 -9.23
C GLN D 181 2.62 8.31 -9.88
N ARG D 182 2.32 8.67 -11.12
CA ARG D 182 1.31 7.94 -11.90
C ARG D 182 1.62 6.50 -12.02
N LEU D 183 2.88 6.16 -12.24
CA LEU D 183 3.32 4.78 -12.22
C LEU D 183 3.18 4.14 -10.88
N ASP D 184 3.60 4.81 -9.82
CA ASP D 184 3.47 4.21 -8.48
C ASP D 184 1.96 3.97 -8.19
N ALA D 185 1.09 4.89 -8.64
CA ALA D 185 -0.36 4.82 -8.41
C ALA D 185 -0.95 3.58 -9.09
N LEU D 186 -0.59 3.42 -10.39
CA LEU D 186 -0.99 2.24 -11.15
C LEU D 186 -0.61 0.97 -10.40
N VAL D 187 0.61 0.93 -9.86
CA VAL D 187 1.13 -0.21 -9.12
C VAL D 187 0.50 -0.48 -7.74
N ALA D 188 0.03 0.59 -7.10
CA ALA D 188 -0.52 0.45 -5.77
C ALA D 188 -1.94 -0.16 -5.94
N GLU D 189 -2.56 0.15 -7.09
CA GLU D 189 -3.99 -0.17 -7.32
C GLU D 189 -4.29 -1.34 -8.25
N GLU D 190 -3.46 -1.59 -9.28
CA GLU D 190 -3.73 -2.67 -10.26
C GLU D 190 -2.68 -3.80 -10.30
N HIS D 191 -3.11 -4.94 -10.85
CA HIS D 191 -2.31 -6.16 -10.86
C HIS D 191 -1.45 -5.95 -12.12
N LEU D 192 -0.26 -5.42 -11.89
CA LEU D 192 0.67 -5.21 -13.00
C LEU D 192 2.06 -4.82 -12.46
N THR D 193 3.03 -4.81 -13.39
CA THR D 193 4.44 -4.50 -13.13
C THR D 193 4.94 -3.44 -14.10
N VAL D 194 5.75 -2.53 -13.58
CA VAL D 194 6.31 -1.49 -14.39
C VAL D 194 7.67 -2.06 -14.73
N ASP D 195 8.10 -1.73 -15.95
CA ASP D 195 9.35 -2.19 -16.49
C ASP D 195 10.42 -1.34 -15.86
N ALA D 196 11.55 -1.96 -15.65
CA ALA D 196 12.69 -1.26 -15.02
C ALA D 196 13.24 -0.08 -15.82
N ARG D 197 13.21 -0.15 -17.15
N ARG D 197 13.23 -0.16 -17.16
CA ARG D 197 13.64 0.96 -17.98
CA ARG D 197 13.64 0.97 -18.02
C ARG D 197 12.67 2.14 -17.95
C ARG D 197 12.68 2.15 -17.86
N VAL D 198 11.36 1.87 -17.85
CA VAL D 198 10.36 2.96 -17.76
C VAL D 198 10.51 3.68 -16.39
N TYR D 199 10.70 2.87 -15.37
CA TYR D 199 10.83 3.34 -14.01
C TYR D 199 12.13 4.08 -13.82
N SER D 200 13.22 3.64 -14.44
CA SER D 200 14.49 4.49 -14.41
C SER D 200 14.28 5.80 -15.12
N TYR D 201 13.56 5.79 -16.25
CA TYR D 201 13.26 7.01 -17.00
C TYR D 201 12.49 7.97 -16.10
N ALA D 202 11.44 7.45 -15.49
CA ALA D 202 10.59 8.22 -14.57
C ALA D 202 11.36 8.77 -13.35
N LEU D 203 12.20 7.94 -12.74
CA LEU D 203 13.06 8.40 -11.64
C LEU D 203 13.90 9.61 -12.04
N ALA D 204 14.56 9.49 -13.20
CA ALA D 204 15.44 10.52 -13.69
C ALA D 204 14.72 11.85 -14.03
N LEU D 205 13.44 11.80 -14.41
CA LEU D 205 12.71 13.05 -14.66
C LEU D 205 12.58 13.86 -13.38
N LYS D 206 12.52 13.15 -12.27
CA LYS D 206 12.46 13.79 -10.97
C LYS D 206 13.84 14.15 -10.46
N HIS D 207 14.83 13.28 -10.69
CA HIS D 207 16.22 13.53 -10.26
C HIS D 207 16.97 14.61 -11.00
N ALA D 208 16.57 14.90 -12.22
CA ALA D 208 17.16 15.97 -12.98
C ALA D 208 17.17 17.34 -12.34
N ASN D 209 18.24 18.07 -12.61
CA ASN D 209 18.40 19.50 -12.28
C ASN D 209 17.32 20.16 -11.44
MG MG E . -24.08 8.43 7.10
MG MG F . -26.83 8.48 5.05
N1 K3A G . -21.09 9.46 32.30
C4 K3A G . -19.86 9.27 31.82
C5 K3A G . -19.62 9.47 30.40
N K3A G . -19.67 8.57 35.42
C K3A G . -18.60 8.03 37.56
O K3A G . -17.39 8.50 35.45
C1 K3A G . -18.46 8.37 36.05
C2 K3A G . -19.80 8.89 34.03
C3 K3A G . -18.96 8.89 32.89
N2 K3A G . -21.01 9.24 33.60
C1 EDO H . -25.13 5.49 16.58
O1 EDO H . -24.69 6.60 17.39
C2 EDO H . -24.58 5.67 15.18
O2 EDO H . -23.18 5.36 15.23
CL CL I . 1.37 -6.95 18.15
C1 EDO J . 7.28 -13.25 24.07
O1 EDO J . 7.36 -12.02 24.79
C2 EDO J . 7.55 -14.43 25.03
O2 EDO J . 6.34 -14.89 25.69
MG MG K . -12.14 1.27 31.79
MG MG L . -9.43 1.66 34.78
C1 EDO M . 27.55 10.26 6.00
O1 EDO M . 28.19 9.35 5.08
C2 EDO M . 26.20 10.76 5.50
O2 EDO M . 25.14 10.07 6.18
MG MG N . 27.38 -8.00 -6.12
MG MG O . 26.98 -6.91 -8.75
MG MG P . 5.64 -5.55 -28.75
MG MG Q . 6.51 -5.95 -30.81
#